data_2CTZ
#
_entry.id   2CTZ
#
_cell.length_a   149.095
_cell.length_b   149.095
_cell.length_c   219.299
_cell.angle_alpha   90.00
_cell.angle_beta   90.00
_cell.angle_gamma   90.00
#
_symmetry.space_group_name_H-M   'I 41'
#
loop_
_entity.id
_entity.type
_entity.pdbx_description
1 polymer 'O-acetyl-L-homoserine sulfhydrylase'
2 non-polymer "PYRIDOXAL-5'-PHOSPHATE"
3 water water
#
_entity_poly.entity_id   1
_entity_poly.type   'polypeptide(L)'
_entity_poly.pdbx_seq_one_letter_code
;MRFETLQLHAGYEPEPTTLSRQVPIYPTTSYVFKSPEHAANLFALKEFGNIYSRIMNPTVDVLEKRLAALEGGKAALATA
SGHAAQFLALTTLAQAGDNIVSTPNLYGGTFNQFKVTLKRLGIEVRFTSREERPEEFLALTDEKTRAWWVESIGNPALNI
PDLEALAQAAREKGVALIVDNTFGMGGYLLRPLAWGAALVTHSLTKWVGGHGAVIAGAIVDGGNFPWEGGRYPLLTEPQP
GYHGLRLTEAFGELAFIVKARVDGLRDQGQALGPFEAWVVLLGMETLSLRAERHVENTLHLAHWLLEQPQVAWVNYPGLP
HHPHHDRAQKYFKGKPGAVLTFGLKGGYEAAKRFISRLKLISHLANVGDTRTLAIHPASTTHSQLSPEEQAQAGVSPEMV
RLSVGLEHVEDLKAELKEALA
;
_entity_poly.pdbx_strand_id   A,B
#
# COMPACT_ATOMS: atom_id res chain seq x y z
N MET A 1 27.85 19.04 2.70
CA MET A 1 28.20 18.48 4.04
C MET A 1 26.98 18.21 5.07
N ARG A 2 25.82 17.60 4.64
CA ARG A 2 24.51 17.52 5.39
C ARG A 2 23.24 17.10 4.56
N PHE A 3 23.17 17.48 3.26
CA PHE A 3 22.08 17.00 2.42
C PHE A 3 21.84 15.48 2.61
N GLU A 4 22.91 14.70 2.54
CA GLU A 4 22.82 13.26 2.76
C GLU A 4 22.19 12.89 4.08
N THR A 5 22.23 13.77 5.07
CA THR A 5 21.66 13.30 6.29
C THR A 5 20.26 13.81 6.44
N LEU A 6 20.02 15.03 5.98
CA LEU A 6 18.66 15.57 5.83
C LEU A 6 17.71 14.60 5.09
N GLN A 7 18.18 14.02 3.97
CA GLN A 7 17.26 13.26 3.12
C GLN A 7 16.83 11.91 3.81
N LEU A 8 17.45 11.60 4.95
CA LEU A 8 17.10 10.43 5.75
C LEU A 8 16.37 10.78 7.09
N HIS A 9 16.47 12.03 7.56
CA HIS A 9 16.05 12.32 8.95
C HIS A 9 15.17 13.55 9.07
N ALA A 10 15.37 14.55 8.23
CA ALA A 10 14.66 15.80 8.48
C ALA A 10 13.14 15.49 8.47
N GLY A 11 12.40 16.08 9.40
CA GLY A 11 10.95 16.10 9.34
C GLY A 11 10.23 14.99 10.14
N TYR A 12 10.97 14.03 10.70
CA TYR A 12 10.41 12.95 11.42
C TYR A 12 11.34 12.51 12.58
N GLU A 13 10.77 12.46 13.77
CA GLU A 13 11.37 11.79 14.93
C GLU A 13 10.45 10.58 15.22
N PRO A 14 11.02 9.41 15.63
CA PRO A 14 10.16 8.24 15.88
C PRO A 14 8.94 8.57 16.70
N GLU A 15 7.81 8.26 16.14
CA GLU A 15 6.51 8.49 16.73
C GLU A 15 6.51 7.99 18.19
N PRO A 16 6.16 8.86 19.12
CA PRO A 16 6.27 8.49 20.55
C PRO A 16 5.51 7.22 20.99
N THR A 17 4.37 6.91 20.38
CA THR A 17 3.55 5.76 20.84
C THR A 17 4.20 4.39 20.58
N THR A 18 4.85 4.21 19.44
CA THR A 18 5.25 2.91 18.99
C THR A 18 6.74 2.96 18.84
N LEU A 19 7.31 4.15 18.79
CA LEU A 19 8.73 4.35 18.51
C LEU A 19 9.23 3.73 17.17
N SER A 20 8.29 3.57 16.24
CA SER A 20 8.61 3.22 14.87
C SER A 20 9.79 3.92 14.19
N ARG A 21 10.72 3.16 13.60
CA ARG A 21 11.90 3.80 13.02
C ARG A 21 11.50 4.39 11.63
N GLN A 22 10.72 3.63 10.89
CA GLN A 22 10.17 4.07 9.63
C GLN A 22 8.98 4.96 9.94
N VAL A 23 8.66 5.82 8.97
CA VAL A 23 7.54 6.75 9.07
C VAL A 23 6.26 5.99 8.81
N PRO A 24 5.27 6.08 9.71
CA PRO A 24 3.97 5.36 9.45
C PRO A 24 3.19 5.94 8.28
N ILE A 25 2.29 5.15 7.67
CA ILE A 25 1.30 5.66 6.70
C ILE A 25 -0.02 5.80 7.50
N TYR A 26 -0.69 6.97 7.43
CA TYR A 26 -1.91 7.26 8.15
C TYR A 26 -3.00 7.36 7.09
N PRO A 27 -3.52 6.20 6.69
CA PRO A 27 -4.55 6.20 5.64
C PRO A 27 -5.83 6.53 6.34
N THR A 28 -5.92 7.81 6.68
CA THR A 28 -7.07 8.23 7.44
C THR A 28 -7.64 9.50 6.80
N THR A 29 -8.89 9.67 6.96
CA THR A 29 -9.67 10.73 6.45
C THR A 29 -9.82 11.76 7.60
N SER A 30 -9.70 11.33 8.86
CA SER A 30 -9.98 12.20 9.98
C SER A 30 -9.19 11.84 11.17
N TYR A 31 -9.30 12.71 12.17
CA TYR A 31 -8.60 12.64 13.43
C TYR A 31 -9.62 13.01 14.50
N VAL A 32 -9.64 12.27 15.55
CA VAL A 32 -10.57 12.53 16.62
C VAL A 32 -10.17 13.89 17.29
N PHE A 33 -11.13 14.69 17.70
CA PHE A 33 -10.70 15.93 18.39
C PHE A 33 -10.40 15.71 19.82
N LYS A 34 -9.17 16.03 20.23
CA LYS A 34 -8.74 16.00 21.63
C LYS A 34 -9.77 16.60 22.63
N SER A 35 -10.43 17.73 22.29
CA SER A 35 -11.42 18.46 23.13
C SER A 35 -12.09 19.51 22.22
N PRO A 36 -13.24 20.07 22.64
CA PRO A 36 -13.86 21.11 21.76
C PRO A 36 -13.00 22.34 21.62
N GLU A 37 -12.17 22.66 22.62
CA GLU A 37 -11.30 23.83 22.52
C GLU A 37 -10.28 23.63 21.42
N HIS A 38 -9.66 22.43 21.39
CA HIS A 38 -8.68 22.13 20.35
C HIS A 38 -9.40 22.16 19.00
N ALA A 39 -10.60 21.63 18.95
CA ALA A 39 -11.33 21.70 17.69
C ALA A 39 -11.64 23.14 17.25
N ALA A 40 -12.14 23.99 18.17
CA ALA A 40 -12.21 25.49 17.92
C ALA A 40 -10.89 26.08 17.35
N ASN A 41 -9.78 25.84 18.04
CA ASN A 41 -8.51 26.28 17.50
C ASN A 41 -8.16 25.84 16.10
N LEU A 42 -8.44 24.57 15.73
CA LEU A 42 -8.09 24.06 14.45
C LEU A 42 -8.80 24.86 13.39
N PHE A 43 -10.11 25.14 13.59
CA PHE A 43 -10.91 25.81 12.55
C PHE A 43 -10.64 27.29 12.42
N ALA A 44 -10.09 27.85 13.49
CA ALA A 44 -9.63 29.25 13.63
C ALA A 44 -8.12 29.44 13.29
N LEU A 45 -7.41 28.36 12.94
CA LEU A 45 -6.03 28.50 12.55
C LEU A 45 -5.15 28.84 13.75
N LYS A 46 -5.73 28.65 14.94
CA LYS A 46 -5.01 28.95 16.17
C LYS A 46 -3.89 28.00 16.60
N GLU A 47 -3.94 26.68 16.36
CA GLU A 47 -2.68 25.97 16.70
C GLU A 47 -2.02 25.23 15.53
N PHE A 48 -1.59 26.07 14.59
CA PHE A 48 -1.31 25.69 13.22
C PHE A 48 -0.62 24.33 12.95
N GLY A 49 0.67 24.18 13.25
CA GLY A 49 1.34 22.90 12.91
C GLY A 49 1.00 21.62 13.70
N ASN A 50 0.25 21.77 14.80
CA ASN A 50 0.03 20.72 15.85
C ASN A 50 -1.16 19.76 15.70
N ILE A 51 -2.27 20.25 15.12
CA ILE A 51 -3.49 19.46 14.96
C ILE A 51 -3.65 19.02 13.52
N TYR A 52 -3.81 17.73 13.34
CA TYR A 52 -3.95 17.15 12.03
C TYR A 52 -5.37 17.17 11.57
N SER A 53 -5.52 17.11 10.24
CA SER A 53 -6.81 17.25 9.55
C SER A 53 -6.65 16.75 8.09
N ARG A 54 -7.80 16.67 7.40
CA ARG A 54 -7.92 16.33 6.00
C ARG A 54 -6.94 17.13 5.09
N ILE A 55 -6.45 18.28 5.58
CA ILE A 55 -5.52 19.19 4.82
C ILE A 55 -4.11 19.26 5.39
N MET A 56 -3.86 18.56 6.48
CA MET A 56 -2.48 18.33 6.93
C MET A 56 -2.41 16.82 7.34
N ASN A 57 -1.88 15.93 6.52
CA ASN A 57 -1.80 14.54 6.96
C ASN A 57 -0.43 14.30 7.62
N PRO A 58 -0.31 13.48 8.67
CA PRO A 58 1.09 13.39 9.24
C PRO A 58 2.14 12.67 8.35
N THR A 59 1.70 11.80 7.43
CA THR A 59 2.70 11.18 6.60
C THR A 59 3.15 12.25 5.60
N VAL A 60 2.23 13.10 5.12
CA VAL A 60 2.51 14.09 4.11
C VAL A 60 3.34 15.22 4.77
N ASP A 61 3.03 15.51 6.01
CA ASP A 61 3.76 16.49 6.77
C ASP A 61 5.25 16.15 6.81
N VAL A 62 5.63 14.89 6.96
CA VAL A 62 7.06 14.54 6.93
C VAL A 62 7.71 14.85 5.57
N LEU A 63 7.01 14.58 4.48
CA LEU A 63 7.53 14.79 3.17
C LEU A 63 7.78 16.35 2.98
N GLU A 64 6.83 17.16 3.44
CA GLU A 64 6.87 18.58 3.30
C GLU A 64 8.06 19.15 4.06
N LYS A 65 8.16 18.89 5.36
CA LYS A 65 9.27 19.39 6.14
C LYS A 65 10.57 18.89 5.56
N ARG A 66 10.56 17.70 5.01
CA ARG A 66 11.81 17.23 4.52
C ARG A 66 12.23 17.96 3.24
N LEU A 67 11.32 18.10 2.30
CA LEU A 67 11.60 18.83 1.12
C LEU A 67 12.04 20.31 1.47
N ALA A 68 11.31 21.02 2.34
CA ALA A 68 11.77 22.36 2.75
C ALA A 68 13.25 22.29 3.19
N ALA A 69 13.61 21.28 3.97
CA ALA A 69 15.02 21.21 4.39
C ALA A 69 15.96 20.97 3.20
N LEU A 70 15.61 20.07 2.31
CA LEU A 70 16.48 19.82 1.17
C LEU A 70 16.64 21.07 0.24
N GLU A 71 15.61 21.92 0.16
CA GLU A 71 15.67 23.17 -0.62
C GLU A 71 16.28 24.37 0.13
N GLY A 72 16.56 24.24 1.44
CA GLY A 72 17.13 25.32 2.24
C GLY A 72 16.00 26.24 2.59
N GLY A 73 14.77 25.76 2.45
CA GLY A 73 13.59 26.62 2.60
C GLY A 73 12.98 26.55 3.96
N LYS A 74 11.83 27.16 4.16
CA LYS A 74 11.31 27.10 5.47
C LYS A 74 10.14 26.19 5.66
N ALA A 75 9.30 26.02 4.67
CA ALA A 75 8.09 25.22 4.78
C ALA A 75 7.73 24.76 3.36
N ALA A 76 6.94 23.68 3.21
CA ALA A 76 6.55 23.21 1.88
C ALA A 76 5.15 22.70 2.02
N LEU A 77 4.51 22.39 0.88
CA LEU A 77 3.14 21.98 0.82
C LEU A 77 3.06 21.03 -0.35
N ALA A 78 2.45 19.87 -0.07
CA ALA A 78 2.50 18.84 -1.09
C ALA A 78 1.22 18.78 -1.85
N THR A 79 1.29 18.39 -3.12
CA THR A 79 -0.03 18.23 -3.78
C THR A 79 -0.10 17.00 -4.58
N ALA A 80 -1.30 16.78 -5.14
CA ALA A 80 -1.50 15.54 -5.92
C ALA A 80 -0.62 15.50 -7.17
N SER A 81 0.07 16.59 -7.59
CA SER A 81 1.00 16.41 -8.73
C SER A 81 1.75 17.71 -8.99
N GLY A 82 2.77 17.68 -9.88
CA GLY A 82 3.55 18.89 -10.22
C GLY A 82 2.60 19.96 -10.79
N HIS A 83 1.70 19.57 -11.76
CA HIS A 83 0.73 20.50 -12.34
C HIS A 83 -0.01 21.13 -11.17
N ALA A 84 -0.51 20.32 -10.24
CA ALA A 84 -1.37 20.91 -9.21
C ALA A 84 -0.58 21.78 -8.32
N ALA A 85 0.72 21.51 -8.14
CA ALA A 85 1.46 22.40 -7.28
C ALA A 85 1.53 23.81 -8.01
N GLN A 86 1.88 23.80 -9.33
CA GLN A 86 1.96 25.02 -10.09
C GLN A 86 0.59 25.79 -10.10
N PHE A 87 -0.50 25.08 -10.27
CA PHE A 87 -1.78 25.76 -10.31
C PHE A 87 -2.06 26.28 -8.93
N LEU A 88 -1.78 25.50 -7.90
CA LEU A 88 -2.14 26.00 -6.59
C LEU A 88 -1.25 27.21 -6.24
N ALA A 89 -0.03 27.26 -6.75
CA ALA A 89 0.84 28.35 -6.33
C ALA A 89 0.28 29.62 -6.96
N LEU A 90 0.03 29.57 -8.27
CA LEU A 90 -0.30 30.72 -9.04
C LEU A 90 -1.69 31.20 -8.59
N THR A 91 -2.53 30.29 -8.24
CA THR A 91 -3.89 30.60 -7.83
C THR A 91 -3.89 31.12 -6.39
N THR A 92 -2.75 31.05 -5.73
CA THR A 92 -2.76 31.54 -4.38
C THR A 92 -2.42 33.03 -4.38
N LEU A 93 -1.49 33.43 -5.27
CA LEU A 93 -1.11 34.80 -5.36
C LEU A 93 -1.81 35.62 -6.49
N ALA A 94 -2.66 35.00 -7.33
CA ALA A 94 -3.24 35.68 -8.48
C ALA A 94 -4.71 35.33 -8.57
N GLN A 95 -5.53 36.22 -9.15
CA GLN A 95 -6.99 36.00 -9.36
C GLN A 95 -7.36 36.56 -10.73
N ALA A 96 -8.60 36.35 -11.18
CA ALA A 96 -9.04 36.91 -12.49
C ALA A 96 -8.73 38.43 -12.53
N GLY A 97 -8.13 38.85 -13.67
CA GLY A 97 -7.70 40.17 -13.87
C GLY A 97 -6.20 40.27 -13.76
N ASP A 98 -5.53 39.39 -12.95
CA ASP A 98 -4.07 39.53 -12.78
C ASP A 98 -3.31 38.96 -13.96
N ASN A 99 -2.00 39.07 -13.94
CA ASN A 99 -1.25 38.41 -15.03
C ASN A 99 0.08 37.93 -14.38
N ILE A 100 0.84 37.12 -15.10
CA ILE A 100 2.16 36.72 -14.63
C ILE A 100 3.03 36.71 -15.88
N VAL A 101 4.35 36.76 -15.69
CA VAL A 101 5.22 36.79 -16.82
C VAL A 101 6.05 35.52 -16.73
N SER A 102 6.24 34.83 -17.84
CA SER A 102 6.93 33.57 -17.84
C SER A 102 7.91 33.41 -18.99
N THR A 103 9.06 32.76 -18.79
CA THR A 103 9.81 32.28 -19.94
C THR A 103 8.83 31.49 -20.79
N PRO A 104 9.09 31.40 -22.09
CA PRO A 104 8.20 30.44 -22.79
C PRO A 104 8.90 29.11 -23.04
N ASN A 105 10.09 28.91 -22.48
CA ASN A 105 10.76 27.62 -22.58
C ASN A 105 10.24 26.59 -21.57
N LEU A 106 8.98 26.21 -21.68
CA LEU A 106 8.27 25.53 -20.64
C LEU A 106 8.12 24.05 -20.99
N TYR A 107 8.13 23.19 -19.97
CA TYR A 107 7.72 21.79 -20.03
C TYR A 107 6.33 21.80 -20.72
N GLY A 108 6.10 20.81 -21.61
CA GLY A 108 4.91 20.79 -22.46
C GLY A 108 3.64 21.10 -21.67
N GLY A 109 3.46 20.37 -20.57
CA GLY A 109 2.22 20.51 -19.83
C GLY A 109 2.09 21.88 -19.18
N THR A 110 3.17 22.52 -18.74
CA THR A 110 3.00 23.79 -18.11
C THR A 110 2.64 24.96 -19.07
N PHE A 111 3.05 24.82 -20.32
CA PHE A 111 2.70 25.72 -21.39
C PHE A 111 1.17 25.73 -21.56
N ASN A 112 0.65 24.55 -21.75
CA ASN A 112 -0.77 24.45 -21.91
C ASN A 112 -1.55 24.98 -20.70
N GLN A 113 -1.00 24.76 -19.51
CA GLN A 113 -1.68 25.12 -18.30
C GLN A 113 -1.80 26.67 -18.24
N PHE A 114 -0.69 27.31 -18.59
CA PHE A 114 -0.59 28.78 -18.70
C PHE A 114 -1.52 29.38 -19.82
N LYS A 115 -1.36 28.87 -21.05
CA LYS A 115 -2.09 29.33 -22.20
C LYS A 115 -3.60 29.05 -22.30
N VAL A 116 -4.11 27.95 -21.71
CA VAL A 116 -5.49 27.54 -21.87
C VAL A 116 -6.16 27.64 -20.53
N THR A 117 -5.60 26.98 -19.55
CA THR A 117 -6.33 26.91 -18.26
C THR A 117 -6.39 28.23 -17.50
N LEU A 118 -5.24 28.88 -17.41
CA LEU A 118 -5.15 30.11 -16.62
C LEU A 118 -5.89 31.27 -17.34
N LYS A 119 -5.62 31.39 -18.65
CA LYS A 119 -6.32 32.28 -19.55
C LYS A 119 -7.83 32.22 -19.31
N ARG A 120 -8.39 31.01 -19.31
CA ARG A 120 -9.81 30.85 -19.10
C ARG A 120 -10.30 31.28 -17.75
N LEU A 121 -9.39 31.32 -16.80
CA LEU A 121 -9.77 31.73 -15.46
C LEU A 121 -9.29 33.17 -15.26
N GLY A 122 -8.94 33.82 -16.37
CA GLY A 122 -8.68 35.26 -16.38
C GLY A 122 -7.37 35.65 -15.77
N ILE A 123 -6.36 34.79 -15.89
CA ILE A 123 -5.08 35.07 -15.35
C ILE A 123 -4.24 34.99 -16.60
N GLU A 124 -3.62 36.10 -16.96
CA GLU A 124 -3.00 36.26 -18.24
C GLU A 124 -1.52 35.92 -18.06
N VAL A 125 -1.05 35.09 -18.96
CA VAL A 125 0.33 34.80 -18.86
C VAL A 125 1.01 35.47 -20.01
N ARG A 126 1.96 36.36 -19.73
CA ARG A 126 2.70 37.04 -20.77
C ARG A 126 4.06 36.39 -20.89
N PHE A 127 4.46 36.09 -22.12
CA PHE A 127 5.74 35.50 -22.46
C PHE A 127 6.91 36.41 -22.91
N THR A 128 7.97 36.41 -22.16
CA THR A 128 9.29 36.75 -22.57
C THR A 128 9.67 36.08 -23.91
N SER A 129 10.72 36.57 -24.59
CA SER A 129 11.32 35.84 -25.70
C SER A 129 12.06 34.60 -25.14
N ARG A 130 12.50 33.72 -26.04
CA ARG A 130 13.31 32.58 -25.64
C ARG A 130 14.60 32.91 -24.92
N GLU A 131 15.05 34.16 -24.90
CA GLU A 131 16.29 34.36 -24.15
C GLU A 131 16.00 34.82 -22.73
N GLU A 132 14.70 34.98 -22.43
CA GLU A 132 14.25 35.26 -21.06
C GLU A 132 15.17 36.21 -20.31
N ARG A 133 15.47 37.38 -20.88
CA ARG A 133 16.33 38.34 -20.18
C ARG A 133 15.60 39.05 -19.03
N PRO A 134 16.29 39.25 -17.90
CA PRO A 134 15.60 39.93 -16.80
C PRO A 134 14.84 41.19 -17.22
N GLU A 135 15.47 42.05 -18.01
CA GLU A 135 14.79 43.24 -18.57
C GLU A 135 13.50 42.92 -19.39
N GLU A 136 13.46 41.82 -20.15
CA GLU A 136 12.16 41.42 -20.74
C GLU A 136 11.13 41.09 -19.67
N PHE A 137 11.57 40.51 -18.57
CA PHE A 137 10.57 40.29 -17.51
C PHE A 137 9.99 41.61 -17.08
N LEU A 138 10.90 42.56 -16.80
CA LEU A 138 10.59 43.89 -16.25
C LEU A 138 9.67 44.63 -17.21
N ALA A 139 10.08 44.63 -18.48
CA ALA A 139 9.34 45.21 -19.58
C ALA A 139 7.92 44.77 -19.53
N LEU A 140 7.66 43.46 -19.36
CA LEU A 140 6.27 42.94 -19.33
C LEU A 140 5.55 43.11 -17.98
N THR A 141 6.22 43.58 -16.95
CA THR A 141 5.56 43.62 -15.63
C THR A 141 4.62 44.81 -15.47
N ASP A 142 3.57 44.73 -14.66
CA ASP A 142 2.78 45.94 -14.38
C ASP A 142 2.18 45.85 -13.00
N GLU A 143 1.40 46.83 -12.63
CA GLU A 143 0.66 46.92 -11.39
C GLU A 143 0.04 45.56 -10.92
N LYS A 144 -0.44 44.78 -11.87
CA LYS A 144 -1.18 43.56 -11.62
C LYS A 144 -0.36 42.26 -11.88
N THR A 145 0.89 42.40 -12.27
CA THR A 145 1.79 41.29 -12.38
C THR A 145 2.03 40.63 -11.04
N ARG A 146 1.80 39.32 -11.04
CA ARG A 146 1.74 38.64 -9.79
C ARG A 146 2.90 37.74 -9.42
N ALA A 147 3.66 37.35 -10.45
CA ALA A 147 4.79 36.50 -10.36
C ALA A 147 5.52 36.53 -11.67
N TRP A 148 6.76 36.10 -11.61
CA TRP A 148 7.50 35.66 -12.79
C TRP A 148 7.80 34.18 -12.62
N TRP A 149 7.79 33.44 -13.72
CA TRP A 149 7.93 32.04 -13.71
C TRP A 149 9.11 31.72 -14.53
N VAL A 150 10.02 30.90 -13.99
CA VAL A 150 11.02 30.32 -14.88
C VAL A 150 11.34 28.90 -14.41
N GLU A 151 11.97 28.09 -15.26
CA GLU A 151 12.35 26.71 -14.89
C GLU A 151 13.86 26.61 -14.66
N SER A 152 14.35 25.77 -13.74
CA SER A 152 15.79 25.71 -13.55
C SER A 152 16.53 25.28 -14.80
N ILE A 153 15.85 24.54 -15.68
CA ILE A 153 16.45 24.09 -16.91
C ILE A 153 15.35 23.97 -17.92
N GLY A 154 15.29 24.91 -18.86
CA GLY A 154 14.11 25.07 -19.73
C GLY A 154 13.95 24.05 -20.83
N ASN A 155 12.76 23.96 -21.36
CA ASN A 155 12.43 22.99 -22.37
C ASN A 155 12.15 23.75 -23.68
N PRO A 156 12.45 23.16 -24.84
CA PRO A 156 13.28 21.99 -25.06
C PRO A 156 14.73 22.29 -25.28
N ALA A 157 15.19 23.53 -25.13
CA ALA A 157 16.64 23.72 -25.51
C ALA A 157 17.65 23.37 -24.38
N LEU A 158 17.09 23.10 -23.18
CA LEU A 158 17.85 22.82 -21.95
C LEU A 158 18.71 24.03 -21.63
N ASN A 159 18.14 25.22 -21.78
CA ASN A 159 18.82 26.49 -21.45
C ASN A 159 18.76 26.66 -19.98
N ILE A 160 19.78 27.22 -19.38
CA ILE A 160 19.67 27.51 -17.97
C ILE A 160 19.40 29.04 -17.78
N PRO A 161 18.46 29.43 -16.93
CA PRO A 161 18.19 30.87 -16.89
C PRO A 161 19.21 31.71 -16.15
N ASP A 162 19.00 33.02 -16.16
CA ASP A 162 20.04 33.93 -15.70
C ASP A 162 19.62 34.29 -14.29
N LEU A 163 19.85 33.31 -13.45
CA LEU A 163 19.05 33.16 -12.24
C LEU A 163 19.34 34.25 -11.20
N GLU A 164 20.63 34.49 -10.96
CA GLU A 164 21.01 35.56 -10.04
C GLU A 164 20.42 36.94 -10.44
N ALA A 165 20.62 37.30 -11.72
CA ALA A 165 20.16 38.60 -12.22
C ALA A 165 18.62 38.67 -12.15
N LEU A 166 17.97 37.61 -12.64
CA LEU A 166 16.50 37.48 -12.51
C LEU A 166 16.00 37.70 -11.09
N ALA A 167 16.65 37.04 -10.15
CA ALA A 167 16.20 37.10 -8.75
C ALA A 167 16.35 38.50 -8.22
N GLN A 168 17.53 39.12 -8.44
CA GLN A 168 17.75 40.58 -8.06
C GLN A 168 16.69 41.48 -8.64
N ALA A 169 16.50 41.36 -9.95
CA ALA A 169 15.45 42.13 -10.65
C ALA A 169 14.06 41.95 -10.05
N ALA A 170 13.61 40.70 -9.82
CA ALA A 170 12.28 40.52 -9.28
C ALA A 170 12.17 41.14 -7.88
N ARG A 171 13.24 41.01 -7.12
CA ARG A 171 13.15 41.50 -5.75
C ARG A 171 13.16 43.03 -5.76
N GLU A 172 14.01 43.60 -6.63
CA GLU A 172 14.15 45.02 -6.76
C GLU A 172 12.80 45.61 -7.23
N LYS A 173 12.09 44.90 -8.10
CA LYS A 173 10.70 45.24 -8.42
C LYS A 173 9.59 44.88 -7.38
N GLY A 174 9.88 43.98 -6.41
CA GLY A 174 8.83 43.40 -5.49
C GLY A 174 7.78 42.46 -6.12
N VAL A 175 8.19 41.71 -7.16
CA VAL A 175 7.47 40.54 -7.66
C VAL A 175 8.09 39.19 -7.14
N ALA A 176 7.22 38.30 -6.69
CA ALA A 176 7.60 36.91 -6.46
C ALA A 176 8.18 36.21 -7.70
N LEU A 177 9.45 35.81 -7.62
CA LEU A 177 10.03 34.95 -8.67
C LEU A 177 9.74 33.50 -8.21
N ILE A 178 9.16 32.69 -9.09
CA ILE A 178 8.95 31.30 -8.83
C ILE A 178 9.77 30.46 -9.81
N VAL A 179 10.62 29.57 -9.26
CA VAL A 179 11.35 28.64 -10.08
C VAL A 179 10.79 27.19 -9.98
N ASP A 180 10.38 26.64 -11.12
CA ASP A 180 10.12 25.26 -11.25
C ASP A 180 11.45 24.55 -11.24
N ASN A 181 11.75 23.97 -10.10
CA ASN A 181 13.07 23.41 -9.89
C ASN A 181 13.05 21.91 -10.09
N THR A 182 12.01 21.38 -10.74
CA THR A 182 12.03 19.98 -10.96
C THR A 182 13.37 19.43 -11.43
N PHE A 183 14.01 20.09 -12.38
CA PHE A 183 15.22 19.46 -13.01
C PHE A 183 16.39 19.63 -12.03
N GLY A 184 16.19 20.45 -11.00
CA GLY A 184 17.18 20.47 -9.92
C GLY A 184 17.13 19.35 -8.84
N MET A 185 16.28 18.30 -9.03
CA MET A 185 16.35 17.10 -8.16
C MET A 185 16.21 17.53 -6.66
N GLY A 186 15.13 18.22 -6.33
CA GLY A 186 14.81 18.59 -5.01
C GLY A 186 15.77 19.45 -4.23
N GLY A 187 16.61 20.22 -4.93
CA GLY A 187 17.54 21.07 -4.20
C GLY A 187 18.94 20.41 -4.26
N TYR A 188 19.06 19.18 -4.72
CA TYR A 188 20.35 18.62 -4.69
C TYR A 188 21.31 19.30 -5.72
N LEU A 189 20.91 19.39 -6.98
CA LEU A 189 21.77 19.98 -7.97
C LEU A 189 21.77 21.52 -7.82
N LEU A 190 20.69 22.12 -7.30
CA LEU A 190 20.53 23.59 -7.25
C LEU A 190 19.43 23.98 -6.28
N ARG A 191 19.67 25.00 -5.48
CA ARG A 191 18.61 25.58 -4.65
C ARG A 191 18.20 27.01 -5.03
N PRO A 192 17.21 27.14 -5.87
CA PRO A 192 16.85 28.51 -6.30
C PRO A 192 16.61 29.46 -5.15
N LEU A 193 16.12 28.98 -4.04
CA LEU A 193 15.91 29.89 -2.95
C LEU A 193 17.26 30.51 -2.49
N ALA A 194 18.34 29.78 -2.68
CA ALA A 194 19.62 30.29 -2.21
C ALA A 194 20.08 31.48 -3.10
N TRP A 195 19.55 31.61 -4.29
CA TRP A 195 19.96 32.59 -5.24
C TRP A 195 18.91 33.68 -5.24
N GLY A 196 18.07 33.70 -4.23
CA GLY A 196 17.02 34.68 -4.11
C GLY A 196 15.63 34.45 -4.71
N ALA A 197 15.29 33.28 -5.28
CA ALA A 197 13.88 33.09 -5.71
C ALA A 197 12.97 33.22 -4.50
N ALA A 198 11.70 33.58 -4.73
CA ALA A 198 10.66 33.64 -3.67
C ALA A 198 10.10 32.24 -3.27
N LEU A 199 9.92 31.35 -4.25
CA LEU A 199 9.13 30.15 -4.14
C LEU A 199 9.72 29.22 -5.13
N VAL A 200 9.62 27.92 -4.79
CA VAL A 200 9.99 26.85 -5.71
C VAL A 200 8.83 25.83 -5.83
N THR A 201 8.81 25.17 -6.95
CA THR A 201 7.80 24.27 -7.30
C THR A 201 8.48 23.07 -7.85
N HIS A 202 7.84 21.90 -7.63
CA HIS A 202 8.39 20.61 -8.07
C HIS A 202 7.34 19.65 -8.60
N SER A 203 7.73 18.90 -9.61
CA SER A 203 6.99 17.67 -9.90
C SER A 203 7.85 16.58 -9.26
N LEU A 204 7.37 16.16 -8.10
CA LEU A 204 8.03 15.17 -7.24
C LEU A 204 7.96 13.86 -8.02
N THR A 205 7.04 13.81 -8.97
CA THR A 205 6.91 12.62 -9.77
C THR A 205 8.19 12.20 -10.51
N LYS A 206 9.06 13.18 -10.73
CA LYS A 206 10.27 12.94 -11.47
C LYS A 206 11.40 12.48 -10.52
N TRP A 207 12.52 13.22 -10.40
CA TRP A 207 13.69 12.61 -9.74
C TRP A 207 13.48 12.52 -8.21
N VAL A 208 12.69 13.39 -7.56
CA VAL A 208 12.64 13.28 -6.11
C VAL A 208 12.02 11.91 -5.71
N GLY A 209 10.78 11.62 -6.14
CA GLY A 209 10.25 10.28 -6.24
C GLY A 209 11.17 9.21 -6.74
N GLY A 210 11.68 9.38 -7.97
CA GLY A 210 12.82 8.67 -8.52
C GLY A 210 12.53 7.31 -9.16
N HIS A 211 11.44 6.60 -8.75
CA HIS A 211 11.26 5.17 -9.17
C HIS A 211 10.07 5.02 -10.09
N GLY A 212 9.55 6.18 -10.53
CA GLY A 212 8.48 6.22 -11.50
C GLY A 212 7.26 5.62 -10.87
N ALA A 213 7.12 5.77 -9.57
CA ALA A 213 6.03 5.02 -8.95
C ALA A 213 4.90 5.87 -8.49
N VAL A 214 5.07 7.18 -8.39
CA VAL A 214 4.06 7.98 -7.81
C VAL A 214 4.04 9.39 -8.41
N ILE A 215 2.83 9.94 -8.60
CA ILE A 215 2.62 11.25 -9.09
C ILE A 215 2.45 12.13 -7.90
N ALA A 216 3.19 13.22 -7.86
CA ALA A 216 3.19 14.05 -6.66
C ALA A 216 3.84 15.39 -6.99
N GLY A 217 3.43 16.46 -6.31
CA GLY A 217 4.05 17.77 -6.55
C GLY A 217 4.23 18.54 -5.25
N ALA A 218 4.96 19.68 -5.29
CA ALA A 218 5.05 20.54 -4.08
C ALA A 218 5.45 21.95 -4.35
N ILE A 219 5.08 22.82 -3.43
CA ILE A 219 5.50 24.18 -3.37
C ILE A 219 6.39 24.30 -2.11
N VAL A 220 7.49 25.03 -2.26
CA VAL A 220 8.39 25.31 -1.17
C VAL A 220 8.55 26.86 -1.06
N ASP A 221 8.40 27.36 0.16
CA ASP A 221 8.41 28.74 0.55
C ASP A 221 9.71 29.08 1.31
N GLY A 222 10.41 30.13 0.86
CA GLY A 222 11.63 30.60 1.50
C GLY A 222 11.33 31.34 2.79
N GLY A 223 10.09 31.79 2.96
CA GLY A 223 9.70 32.63 4.07
C GLY A 223 10.46 33.95 4.18
N ASN A 224 10.97 34.48 3.05
CA ASN A 224 11.72 35.74 3.06
C ASN A 224 11.30 36.68 1.89
N PHE A 225 10.08 36.64 1.46
CA PHE A 225 9.71 37.54 0.41
C PHE A 225 8.62 38.40 1.00
N PRO A 226 8.74 39.72 0.85
CA PRO A 226 7.74 40.61 1.51
C PRO A 226 6.43 40.62 0.71
N TRP A 227 5.34 40.23 1.34
CA TRP A 227 4.05 40.13 0.68
C TRP A 227 3.27 41.41 0.98
N GLU A 228 3.78 42.19 1.94
CA GLU A 228 3.05 43.37 2.37
C GLU A 228 3.10 44.59 1.42
N GLY A 229 4.06 44.61 0.49
CA GLY A 229 4.14 45.69 -0.51
C GLY A 229 2.86 46.37 -1.08
N GLY A 230 1.68 45.73 -1.14
CA GLY A 230 0.54 46.29 -1.91
C GLY A 230 0.39 45.53 -3.23
N ARG A 231 1.44 44.83 -3.66
CA ARG A 231 1.28 43.93 -4.82
C ARG A 231 0.40 42.61 -4.57
N TYR A 232 0.10 42.27 -3.31
CA TYR A 232 -0.48 40.95 -3.02
C TYR A 232 -1.71 41.09 -2.13
N PRO A 233 -2.74 41.76 -2.67
CA PRO A 233 -3.89 41.94 -1.79
C PRO A 233 -4.45 40.55 -1.40
N LEU A 234 -4.34 39.58 -2.32
CA LEU A 234 -4.80 38.19 -1.96
C LEU A 234 -4.17 37.72 -0.63
N LEU A 235 -2.89 37.98 -0.42
CA LEU A 235 -2.23 37.64 0.84
C LEU A 235 -2.56 38.49 2.03
N THR A 236 -2.94 39.77 1.82
CA THR A 236 -3.13 40.74 2.95
C THR A 236 -4.62 40.97 3.31
N GLU A 237 -5.53 40.79 2.36
CA GLU A 237 -6.98 40.95 2.55
C GLU A 237 -7.48 40.33 3.84
N PRO A 238 -8.54 40.87 4.43
CA PRO A 238 -9.12 39.95 5.43
C PRO A 238 -9.73 38.79 4.64
N GLN A 239 -9.75 37.62 5.27
CA GLN A 239 -9.95 36.38 4.55
C GLN A 239 -11.33 35.82 4.76
N PRO A 240 -12.15 35.82 3.70
CA PRO A 240 -13.55 35.47 3.93
C PRO A 240 -13.79 34.02 4.42
N GLY A 241 -12.88 33.11 4.08
CA GLY A 241 -12.97 31.72 4.57
C GLY A 241 -12.68 31.58 6.05
N TYR A 242 -12.17 32.63 6.70
CA TYR A 242 -11.74 32.52 8.08
C TYR A 242 -12.16 33.80 8.77
N HIS A 243 -13.40 34.23 8.48
CA HIS A 243 -14.07 35.26 9.30
C HIS A 243 -13.21 36.52 9.35
N GLY A 244 -12.72 36.96 8.21
CA GLY A 244 -11.80 38.11 8.13
C GLY A 244 -10.41 38.11 8.78
N LEU A 245 -9.82 36.92 9.07
CA LEU A 245 -8.40 36.80 9.45
C LEU A 245 -7.46 37.26 8.37
N ARG A 246 -6.40 37.95 8.76
CA ARG A 246 -5.43 38.48 7.82
C ARG A 246 -4.16 37.66 7.99
N LEU A 247 -3.93 36.88 6.95
CA LEU A 247 -2.90 35.88 6.94
C LEU A 247 -1.49 36.48 7.09
N THR A 248 -1.22 37.64 6.47
CA THR A 248 0.08 38.35 6.72
C THR A 248 0.25 38.81 8.18
N GLU A 249 -0.84 39.16 8.83
CA GLU A 249 -0.75 39.45 10.26
C GLU A 249 -0.57 38.24 11.23
N ALA A 250 -1.39 37.19 11.02
CA ALA A 250 -1.30 35.96 11.80
C ALA A 250 -0.06 35.13 11.52
N PHE A 251 0.52 35.18 10.33
CA PHE A 251 1.57 34.19 10.01
C PHE A 251 2.81 34.83 9.49
N GLY A 252 2.81 36.16 9.39
CA GLY A 252 4.01 36.89 9.06
C GLY A 252 4.71 36.37 7.82
N GLU A 253 5.93 35.88 8.00
CA GLU A 253 6.71 35.57 6.79
C GLU A 253 6.30 34.23 6.06
N LEU A 254 5.46 33.43 6.73
CA LEU A 254 5.01 32.19 6.14
C LEU A 254 3.63 32.35 5.52
N ALA A 255 3.20 33.58 5.29
CA ALA A 255 1.79 33.72 4.92
C ALA A 255 1.44 33.02 3.59
N PHE A 256 2.40 32.91 2.67
CA PHE A 256 2.01 32.36 1.42
C PHE A 256 1.71 30.81 1.59
N ILE A 257 2.68 30.08 2.15
CA ILE A 257 2.56 28.64 2.25
C ILE A 257 1.36 28.30 3.13
N VAL A 258 1.05 29.16 4.10
CA VAL A 258 -0.12 28.97 4.94
C VAL A 258 -1.36 29.20 4.09
N LYS A 259 -1.39 30.29 3.31
CA LYS A 259 -2.57 30.52 2.51
C LYS A 259 -2.79 29.34 1.53
N ALA A 260 -1.71 28.89 0.88
CA ALA A 260 -1.81 27.87 -0.09
C ALA A 260 -2.48 26.61 0.56
N ARG A 261 -2.14 26.35 1.80
CA ARG A 261 -2.80 25.30 2.50
C ARG A 261 -4.24 25.58 2.92
N VAL A 262 -4.47 26.59 3.75
CA VAL A 262 -5.74 26.71 4.43
C VAL A 262 -6.79 27.27 3.56
N ASP A 263 -6.37 27.79 2.41
CA ASP A 263 -7.32 28.37 1.55
C ASP A 263 -7.40 27.67 0.22
N GLY A 264 -6.36 27.70 -0.60
CA GLY A 264 -6.41 27.08 -1.93
C GLY A 264 -6.54 25.55 -1.93
N LEU A 265 -5.73 24.89 -1.09
CA LEU A 265 -5.80 23.44 -0.95
C LEU A 265 -7.09 23.09 -0.25
N ARG A 266 -7.49 23.85 0.77
CA ARG A 266 -8.78 23.48 1.37
C ARG A 266 -9.95 23.60 0.40
N ASP A 267 -9.94 24.55 -0.55
CA ASP A 267 -11.12 24.67 -1.45
C ASP A 267 -11.04 23.83 -2.72
N GLN A 268 -9.83 23.65 -3.24
CA GLN A 268 -9.63 23.00 -4.50
C GLN A 268 -9.40 21.48 -4.32
N GLY A 269 -8.78 21.04 -3.19
CA GLY A 269 -8.66 19.63 -2.87
C GLY A 269 -7.67 18.75 -3.65
N GLN A 270 -6.56 19.28 -4.16
CA GLN A 270 -5.47 18.44 -4.72
C GLN A 270 -4.61 17.66 -3.62
N ALA A 271 -5.25 17.09 -2.58
CA ALA A 271 -4.62 16.30 -1.48
C ALA A 271 -3.53 15.39 -2.13
N LEU A 272 -2.28 15.40 -1.66
CA LEU A 272 -1.46 14.25 -1.89
C LEU A 272 -1.88 13.20 -0.86
N GLY A 273 -2.14 12.01 -1.35
CA GLY A 273 -2.37 10.93 -0.41
C GLY A 273 -1.16 10.30 0.30
N PRO A 274 -1.44 9.77 1.49
CA PRO A 274 -0.37 9.25 2.34
C PRO A 274 0.42 8.03 1.82
N PHE A 275 -0.15 7.03 1.09
CA PHE A 275 0.73 6.01 0.54
C PHE A 275 1.72 6.68 -0.36
N GLU A 276 1.17 7.57 -1.18
CA GLU A 276 1.91 8.17 -2.22
C GLU A 276 3.03 8.95 -1.63
N ALA A 277 2.72 9.70 -0.57
CA ALA A 277 3.71 10.47 0.11
C ALA A 277 4.76 9.52 0.70
N TRP A 278 4.30 8.39 1.25
CA TRP A 278 5.23 7.48 1.84
C TRP A 278 6.21 6.96 0.77
N VAL A 279 5.68 6.56 -0.38
CA VAL A 279 6.52 6.11 -1.46
C VAL A 279 7.47 7.24 -1.94
N VAL A 280 7.02 8.48 -1.97
CA VAL A 280 8.02 9.52 -2.27
C VAL A 280 9.17 9.53 -1.23
N LEU A 281 8.85 9.48 0.05
CA LEU A 281 9.88 9.52 1.07
C LEU A 281 10.85 8.39 0.82
N LEU A 282 10.41 7.25 0.34
CA LEU A 282 11.33 6.19 0.11
C LEU A 282 12.33 6.59 -0.97
N GLY A 283 11.88 7.25 -2.05
CA GLY A 283 12.85 7.59 -3.11
C GLY A 283 13.69 8.78 -2.59
N MET A 284 13.09 9.67 -1.76
CA MET A 284 13.84 10.85 -1.26
C MET A 284 15.04 10.26 -0.47
N GLU A 285 14.90 9.05 0.10
CA GLU A 285 15.99 8.56 0.95
C GLU A 285 17.33 8.39 0.21
N THR A 286 17.28 8.16 -1.11
CA THR A 286 18.47 7.96 -1.87
C THR A 286 18.69 9.10 -2.88
N LEU A 287 17.99 10.21 -2.70
CA LEU A 287 18.03 11.27 -3.75
C LEU A 287 19.43 11.65 -4.19
N SER A 288 20.30 11.95 -3.24
CA SER A 288 21.62 12.39 -3.56
C SER A 288 22.37 11.30 -4.24
N LEU A 289 22.12 10.04 -3.89
CA LEU A 289 22.97 8.97 -4.51
C LEU A 289 22.50 8.77 -5.92
N ARG A 290 21.24 9.03 -6.15
CA ARG A 290 20.74 8.76 -7.50
C ARG A 290 21.17 9.97 -8.33
N ALA A 291 21.01 11.16 -7.74
CA ALA A 291 21.40 12.33 -8.39
C ALA A 291 22.80 12.18 -8.92
N GLU A 292 23.79 11.87 -8.10
CA GLU A 292 25.16 11.78 -8.61
C GLU A 292 25.29 10.74 -9.70
N ARG A 293 24.70 9.56 -9.54
CA ARG A 293 24.95 8.57 -10.61
C ARG A 293 24.22 9.06 -11.88
N HIS A 294 23.14 9.81 -11.77
CA HIS A 294 22.39 10.25 -12.94
C HIS A 294 23.32 11.14 -13.77
N VAL A 295 23.77 12.19 -13.12
CA VAL A 295 24.52 13.21 -13.72
C VAL A 295 25.85 12.61 -14.26
N GLU A 296 26.50 11.70 -13.54
CA GLU A 296 27.67 11.11 -14.13
C GLU A 296 27.28 10.36 -15.35
N ASN A 297 26.23 9.56 -15.31
CA ASN A 297 25.91 8.77 -16.48
C ASN A 297 25.64 9.73 -17.69
N THR A 298 25.07 10.91 -17.41
CA THR A 298 24.63 11.81 -18.44
C THR A 298 25.84 12.42 -19.19
N LEU A 299 26.81 12.96 -18.44
CA LEU A 299 28.08 13.37 -18.98
C LEU A 299 28.77 12.33 -19.82
N HIS A 300 28.94 11.13 -19.28
CA HIS A 300 29.60 10.12 -20.08
C HIS A 300 28.84 9.89 -21.39
N LEU A 301 27.51 9.87 -21.38
CA LEU A 301 26.78 9.57 -22.59
C LEU A 301 26.76 10.77 -23.56
N ALA A 302 26.64 11.98 -23.03
CA ALA A 302 26.84 13.18 -23.82
C ALA A 302 28.17 13.13 -24.60
N HIS A 303 29.31 12.90 -23.93
CA HIS A 303 30.57 12.65 -24.64
C HIS A 303 30.48 11.50 -25.59
N TRP A 304 30.03 10.35 -25.13
CA TRP A 304 30.10 9.21 -25.99
C TRP A 304 29.24 9.40 -27.28
N LEU A 305 28.12 10.08 -27.16
CA LEU A 305 27.18 10.19 -28.28
C LEU A 305 27.83 11.02 -29.47
N LEU A 306 28.57 12.09 -29.13
CA LEU A 306 29.31 12.95 -30.08
C LEU A 306 30.33 12.12 -30.90
N GLU A 307 31.07 11.23 -30.27
CA GLU A 307 31.93 10.35 -31.04
C GLU A 307 31.19 9.38 -31.91
N GLN A 308 29.89 9.51 -32.03
CA GLN A 308 29.23 8.45 -32.75
C GLN A 308 28.95 8.88 -34.21
N PRO A 309 29.45 8.09 -35.17
CA PRO A 309 29.26 8.46 -36.59
C PRO A 309 27.81 8.84 -36.95
N GLN A 310 26.78 8.31 -36.24
CA GLN A 310 25.43 8.56 -36.74
C GLN A 310 24.70 9.73 -36.12
N VAL A 311 25.47 10.45 -35.29
CA VAL A 311 24.98 11.51 -34.48
C VAL A 311 25.49 12.87 -34.97
N ALA A 312 24.57 13.74 -35.35
CA ALA A 312 24.94 15.04 -35.88
C ALA A 312 25.36 15.95 -34.77
N TRP A 313 24.66 15.93 -33.66
CA TRP A 313 24.90 16.89 -32.58
C TRP A 313 24.34 16.37 -31.20
N VAL A 314 24.83 16.97 -30.13
CA VAL A 314 24.39 16.62 -28.81
C VAL A 314 24.20 17.90 -27.97
N ASN A 315 23.00 18.03 -27.40
CA ASN A 315 22.75 19.16 -26.61
C ASN A 315 22.68 18.77 -25.14
N TYR A 316 23.66 19.27 -24.38
CA TYR A 316 23.72 19.02 -22.98
C TYR A 316 24.47 20.12 -22.30
N PRO A 317 23.82 20.90 -21.44
CA PRO A 317 24.51 22.05 -20.90
C PRO A 317 25.75 21.83 -20.11
N GLY A 318 26.06 20.59 -19.78
CA GLY A 318 27.34 20.30 -19.12
C GLY A 318 28.46 19.95 -20.09
N LEU A 319 28.19 19.84 -21.39
CA LEU A 319 29.30 19.69 -22.36
C LEU A 319 30.15 20.97 -22.32
N PRO A 320 31.49 20.86 -22.58
CA PRO A 320 32.25 22.13 -22.38
C PRO A 320 32.03 23.17 -23.48
N HIS A 321 31.67 22.79 -24.71
CA HIS A 321 31.44 23.90 -25.67
C HIS A 321 30.06 24.55 -25.65
N HIS A 322 29.14 23.97 -24.90
CA HIS A 322 27.78 24.51 -24.76
C HIS A 322 27.70 26.04 -24.50
N PRO A 323 26.79 26.72 -25.24
CA PRO A 323 26.41 28.14 -25.06
C PRO A 323 26.45 28.57 -23.59
N HIS A 324 25.53 28.00 -22.82
CA HIS A 324 25.33 28.37 -21.44
C HIS A 324 26.17 27.50 -20.46
N HIS A 325 27.44 27.24 -20.79
CA HIS A 325 28.28 26.37 -19.99
C HIS A 325 28.75 27.00 -18.71
N ASP A 326 29.07 28.29 -18.77
CA ASP A 326 29.47 29.08 -17.61
C ASP A 326 28.34 28.99 -16.57
N ARG A 327 27.10 28.89 -17.07
CA ARG A 327 25.91 28.90 -16.24
C ARG A 327 25.71 27.53 -15.54
N ALA A 328 26.06 26.46 -16.24
CA ALA A 328 26.05 25.12 -15.72
C ALA A 328 26.97 25.15 -14.53
N GLN A 329 28.03 25.90 -14.64
CA GLN A 329 29.02 25.89 -13.59
C GLN A 329 28.55 26.76 -12.45
N LYS A 330 27.97 27.90 -12.75
CA LYS A 330 27.64 28.81 -11.69
C LYS A 330 26.53 28.17 -10.88
N TYR A 331 25.50 27.68 -11.57
CA TYR A 331 24.32 27.16 -10.94
C TYR A 331 24.30 25.70 -10.44
N PHE A 332 24.94 24.78 -11.15
CA PHE A 332 24.77 23.38 -10.93
C PHE A 332 26.08 22.71 -10.66
N LYS A 333 27.07 23.48 -10.16
CA LYS A 333 28.41 23.00 -9.90
C LYS A 333 28.89 22.09 -10.99
N GLY A 334 28.59 22.40 -12.24
CA GLY A 334 29.06 21.55 -13.32
C GLY A 334 28.15 20.40 -13.69
N LYS A 335 26.98 20.28 -13.02
CA LYS A 335 26.12 19.08 -13.07
C LYS A 335 24.64 19.44 -13.43
N PRO A 336 24.40 19.91 -14.70
CA PRO A 336 23.09 20.51 -14.99
C PRO A 336 22.08 19.42 -15.47
N GLY A 337 21.62 18.61 -14.49
CA GLY A 337 20.54 17.64 -14.69
C GLY A 337 20.88 16.42 -15.50
N ALA A 338 19.85 15.68 -15.88
CA ALA A 338 20.09 14.32 -16.37
C ALA A 338 19.32 14.07 -17.66
N VAL A 339 18.85 15.17 -18.29
CA VAL A 339 18.23 15.12 -19.62
C VAL A 339 19.17 15.67 -20.64
N LEU A 340 19.34 14.93 -21.72
CA LEU A 340 20.07 15.45 -22.87
C LEU A 340 19.29 15.21 -24.19
N THR A 341 19.82 15.81 -25.26
CA THR A 341 19.10 15.79 -26.52
C THR A 341 20.15 15.55 -27.54
N PHE A 342 19.77 14.87 -28.60
CA PHE A 342 20.73 14.70 -29.65
C PHE A 342 20.03 14.45 -30.96
N GLY A 343 20.67 14.89 -32.06
CA GLY A 343 20.11 14.73 -33.41
C GLY A 343 20.85 13.70 -34.19
N LEU A 344 20.10 12.93 -34.95
CA LEU A 344 20.62 11.86 -35.77
C LEU A 344 20.86 12.42 -37.16
N LYS A 345 21.92 11.96 -37.82
CA LYS A 345 22.22 12.58 -39.09
C LYS A 345 21.26 12.08 -40.21
N GLY A 346 20.58 10.93 -39.95
CA GLY A 346 19.62 10.28 -40.86
C GLY A 346 18.20 10.79 -40.59
N GLY A 347 18.15 11.92 -39.87
CA GLY A 347 16.92 12.66 -39.59
C GLY A 347 15.78 11.97 -38.83
N TYR A 348 14.59 12.55 -39.01
CA TYR A 348 13.32 11.99 -38.56
C TYR A 348 13.27 10.49 -38.79
N GLU A 349 13.73 9.99 -39.93
CA GLU A 349 13.56 8.54 -40.16
C GLU A 349 14.48 7.75 -39.27
N ALA A 350 15.71 8.23 -39.12
CA ALA A 350 16.67 7.50 -38.34
C ALA A 350 16.27 7.56 -36.80
N ALA A 351 15.57 8.64 -36.42
CA ALA A 351 15.15 8.92 -35.10
C ALA A 351 14.07 7.87 -34.81
N LYS A 352 13.05 7.76 -35.67
CA LYS A 352 12.09 6.69 -35.56
C LYS A 352 12.74 5.32 -35.53
N ARG A 353 13.79 5.09 -36.25
CA ARG A 353 14.34 3.77 -36.30
C ARG A 353 15.02 3.44 -34.96
N PHE A 354 15.84 4.40 -34.51
CA PHE A 354 16.52 4.31 -33.25
C PHE A 354 15.49 3.97 -32.14
N ILE A 355 14.41 4.77 -32.00
CA ILE A 355 13.48 4.44 -30.98
C ILE A 355 12.97 3.03 -31.21
N SER A 356 12.82 2.57 -32.45
CA SER A 356 12.14 1.26 -32.63
C SER A 356 13.12 0.14 -32.26
N ARG A 357 14.40 0.44 -32.01
CA ARG A 357 15.40 -0.61 -31.77
C ARG A 357 15.87 -0.66 -30.33
N LEU A 358 15.27 0.21 -29.53
CA LEU A 358 15.55 0.22 -28.12
C LEU A 358 15.09 -1.13 -27.51
N LYS A 359 15.79 -1.61 -26.51
CA LYS A 359 15.43 -2.86 -25.79
C LYS A 359 15.39 -2.51 -24.30
N LEU A 360 16.57 -2.25 -23.77
CA LEU A 360 16.76 -1.76 -22.46
C LEU A 360 16.18 -0.35 -22.14
N ILE A 361 16.47 0.65 -22.99
CA ILE A 361 15.88 2.02 -22.82
C ILE A 361 14.40 1.92 -23.18
N SER A 362 13.57 2.60 -22.42
CA SER A 362 12.12 2.48 -22.59
C SER A 362 11.68 3.64 -23.45
N HIS A 363 10.81 3.29 -24.36
CA HIS A 363 10.13 4.24 -25.14
C HIS A 363 8.86 4.77 -24.41
N LEU A 364 8.98 5.99 -23.84
CA LEU A 364 7.85 6.67 -23.22
C LEU A 364 8.11 8.19 -23.03
N ALA A 365 7.09 8.93 -22.58
CA ALA A 365 7.20 10.39 -22.53
C ALA A 365 7.27 10.71 -21.10
N ASN A 366 8.39 11.04 -20.53
CA ASN A 366 8.44 11.16 -19.06
C ASN A 366 9.91 11.24 -18.71
N VAL A 367 10.24 11.94 -17.65
CA VAL A 367 11.63 11.97 -17.31
C VAL A 367 11.79 11.56 -15.87
N GLY A 368 12.97 11.16 -15.46
CA GLY A 368 13.30 11.17 -14.03
C GLY A 368 13.04 9.82 -13.32
N ASP A 369 12.93 8.73 -14.08
CA ASP A 369 12.89 7.44 -13.54
C ASP A 369 14.36 6.98 -13.22
N THR A 370 14.54 5.82 -12.60
CA THR A 370 15.85 5.23 -12.34
C THR A 370 16.31 4.65 -13.64
N ARG A 371 15.35 4.29 -14.47
CA ARG A 371 15.56 3.59 -15.71
C ARG A 371 15.73 4.69 -16.79
N THR A 372 16.57 4.38 -17.77
CA THR A 372 16.84 5.31 -18.86
C THR A 372 15.66 5.37 -19.87
N LEU A 373 15.24 6.60 -20.18
CA LEU A 373 14.02 6.81 -21.00
C LEU A 373 14.38 7.60 -22.32
N ALA A 374 13.72 7.24 -23.42
CA ALA A 374 13.92 7.92 -24.72
C ALA A 374 12.62 8.28 -25.41
N ILE A 375 12.60 9.50 -25.93
CA ILE A 375 11.49 9.91 -26.79
C ILE A 375 11.88 10.71 -28.06
N HIS A 376 11.15 10.48 -29.13
CA HIS A 376 11.33 11.31 -30.35
C HIS A 376 10.11 12.16 -30.55
N PRO A 377 10.12 13.36 -30.03
CA PRO A 377 8.92 14.18 -29.99
C PRO A 377 8.27 14.45 -31.39
N ALA A 378 9.09 14.68 -32.42
CA ALA A 378 8.56 14.93 -33.74
C ALA A 378 7.58 13.82 -34.15
N SER A 379 7.86 12.57 -33.85
CA SER A 379 6.90 11.53 -34.30
C SER A 379 5.82 11.16 -33.27
N THR A 380 5.68 11.91 -32.21
CA THR A 380 5.01 11.33 -31.04
C THR A 380 4.23 12.38 -30.21
N THR A 381 4.89 12.87 -29.20
CA THR A 381 4.45 14.01 -28.43
C THR A 381 3.89 15.16 -29.23
N HIS A 382 4.58 15.56 -30.29
CA HIS A 382 4.21 16.72 -31.14
C HIS A 382 3.73 16.30 -32.54
N SER A 383 3.36 15.02 -32.70
CA SER A 383 3.01 14.52 -34.04
C SER A 383 1.76 15.15 -34.67
N GLN A 384 1.12 16.03 -33.96
CA GLN A 384 -0.12 16.54 -34.45
C GLN A 384 0.08 18.01 -34.91
N LEU A 385 1.16 18.65 -34.48
CA LEU A 385 1.69 19.86 -35.06
C LEU A 385 2.24 19.54 -36.45
N SER A 386 2.07 20.48 -37.38
CA SER A 386 2.75 20.47 -38.71
C SER A 386 4.26 20.70 -38.47
N PRO A 387 5.10 20.35 -39.46
CA PRO A 387 6.55 20.49 -39.20
C PRO A 387 6.91 21.92 -38.96
N GLU A 388 6.08 22.83 -39.39
CA GLU A 388 6.53 24.17 -39.24
C GLU A 388 6.09 24.71 -37.88
N GLU A 389 4.89 24.36 -37.43
CA GLU A 389 4.57 24.71 -36.05
C GLU A 389 5.43 23.88 -35.04
N GLN A 390 5.85 22.66 -35.43
CA GLN A 390 6.91 22.01 -34.69
C GLN A 390 8.12 22.91 -34.62
N ALA A 391 8.82 23.15 -35.73
CA ALA A 391 10.06 23.97 -35.70
C ALA A 391 9.89 25.24 -34.84
N GLN A 392 8.75 25.90 -34.97
CA GLN A 392 8.29 26.95 -34.08
C GLN A 392 8.44 26.65 -32.56
N ALA A 393 8.00 25.47 -32.11
CA ALA A 393 8.22 25.02 -30.72
C ALA A 393 9.71 24.59 -30.30
N GLY A 394 10.66 24.62 -31.23
CA GLY A 394 12.04 24.28 -30.89
C GLY A 394 12.16 22.78 -31.03
N VAL A 395 11.26 22.16 -31.81
CA VAL A 395 11.29 20.73 -31.97
C VAL A 395 11.74 20.37 -33.35
N SER A 396 12.98 19.96 -33.39
CA SER A 396 13.59 19.76 -34.65
C SER A 396 13.41 18.28 -35.04
N PRO A 397 13.17 17.98 -36.32
CA PRO A 397 12.66 16.62 -36.57
C PRO A 397 13.67 15.47 -36.36
N GLU A 398 14.95 15.79 -36.31
CA GLU A 398 15.88 14.71 -36.00
C GLU A 398 16.20 14.50 -34.44
N MET A 399 15.57 15.27 -33.53
CA MET A 399 15.92 15.27 -32.10
C MET A 399 15.22 14.16 -31.32
N VAL A 400 16.09 13.40 -30.62
CA VAL A 400 15.75 12.45 -29.61
C VAL A 400 16.09 13.02 -28.24
N ARG A 401 15.16 12.88 -27.28
CA ARG A 401 15.37 13.32 -25.85
C ARG A 401 15.67 12.05 -25.06
N LEU A 402 16.74 12.14 -24.30
CA LEU A 402 17.20 11.00 -23.51
C LEU A 402 17.11 11.40 -22.04
N SER A 403 16.36 10.66 -21.22
CA SER A 403 16.39 10.96 -19.78
C SER A 403 17.23 9.81 -19.15
N VAL A 404 18.43 10.16 -18.71
CA VAL A 404 19.46 9.16 -18.48
C VAL A 404 19.35 8.52 -17.07
N GLY A 405 19.32 7.20 -17.07
CA GLY A 405 19.00 6.46 -15.88
C GLY A 405 20.27 6.00 -15.20
N LEU A 406 20.11 4.96 -14.38
CA LEU A 406 21.19 4.57 -13.49
C LEU A 406 21.75 3.22 -13.86
N GLU A 407 21.30 2.65 -14.96
CA GLU A 407 21.92 1.39 -15.39
C GLU A 407 23.46 1.59 -15.60
N HIS A 408 24.16 0.47 -15.78
CA HIS A 408 25.61 0.62 -15.96
C HIS A 408 25.91 1.31 -17.30
N VAL A 409 26.75 2.33 -17.29
CA VAL A 409 26.97 3.10 -18.51
C VAL A 409 27.48 2.24 -19.69
N GLU A 410 28.17 1.14 -19.42
CA GLU A 410 28.57 0.26 -20.49
C GLU A 410 27.38 -0.43 -21.05
N ASP A 411 26.35 -0.66 -20.24
CA ASP A 411 25.20 -1.37 -20.83
C ASP A 411 24.41 -0.44 -21.70
N LEU A 412 24.38 0.82 -21.28
CA LEU A 412 23.72 1.86 -22.00
C LEU A 412 24.43 2.15 -23.36
N LYS A 413 25.79 2.26 -23.30
CA LYS A 413 26.63 2.33 -24.53
C LYS A 413 26.35 1.17 -25.47
N ALA A 414 26.33 -0.07 -24.97
CA ALA A 414 26.08 -1.21 -25.87
C ALA A 414 24.69 -1.14 -26.51
N GLU A 415 23.71 -0.69 -25.73
CA GLU A 415 22.36 -0.51 -26.22
C GLU A 415 22.19 0.61 -27.25
N LEU A 416 22.65 1.82 -26.91
CA LEU A 416 22.70 2.93 -27.88
C LEU A 416 23.45 2.59 -29.21
N LYS A 417 24.75 2.24 -29.15
CA LYS A 417 25.49 1.71 -30.31
C LYS A 417 24.61 0.79 -31.17
N GLU A 418 23.97 -0.14 -30.54
CA GLU A 418 23.19 -1.03 -31.30
C GLU A 418 21.84 -0.53 -31.73
N ALA A 419 21.28 0.48 -31.09
CA ALA A 419 20.00 1.01 -31.55
C ALA A 419 20.25 1.96 -32.74
N LEU A 420 21.50 2.39 -32.84
CA LEU A 420 21.87 3.45 -33.70
C LEU A 420 22.34 2.88 -35.08
N ALA A 421 22.30 1.56 -35.30
CA ALA A 421 22.70 0.83 -36.55
C ALA A 421 21.53 0.40 -37.45
N MET B 1 -26.36 -8.88 19.60
CA MET B 1 -26.13 -7.62 20.42
C MET B 1 -24.63 -7.09 20.81
N ARG B 2 -23.69 -6.82 19.86
CA ARG B 2 -22.21 -6.45 20.12
C ARG B 2 -21.08 -6.85 19.07
N PHE B 3 -21.14 -8.07 18.49
CA PHE B 3 -20.21 -8.39 17.37
C PHE B 3 -20.05 -7.19 16.39
N GLU B 4 -21.18 -6.60 16.01
CA GLU B 4 -21.18 -5.50 15.04
C GLU B 4 -20.38 -4.33 15.54
N THR B 5 -20.15 -4.25 16.85
CA THR B 5 -19.45 -3.09 17.24
C THR B 5 -18.03 -3.42 17.49
N LEU B 6 -17.77 -4.57 18.07
CA LEU B 6 -16.40 -5.10 18.14
C LEU B 6 -15.65 -5.06 16.80
N GLN B 7 -16.34 -5.45 15.72
CA GLN B 7 -15.62 -5.61 14.45
C GLN B 7 -15.20 -4.22 13.90
N LEU B 8 -15.62 -3.13 14.55
CA LEU B 8 -15.27 -1.78 14.12
C LEU B 8 -14.29 -1.03 15.10
N HIS B 9 -14.16 -1.53 16.34
CA HIS B 9 -13.55 -0.77 17.45
C HIS B 9 -12.62 -1.62 18.30
N ALA B 10 -12.83 -2.91 18.44
CA ALA B 10 -12.00 -3.69 19.39
C ALA B 10 -10.52 -3.60 18.95
N GLY B 11 -9.62 -3.34 19.88
CA GLY B 11 -8.20 -3.47 19.72
C GLY B 11 -7.50 -2.18 19.31
N TYR B 12 -8.26 -1.08 19.09
CA TYR B 12 -7.65 0.15 18.68
C TYR B 12 -8.39 1.38 19.26
N GLU B 13 -7.64 2.26 19.87
CA GLU B 13 -8.12 3.57 20.32
C GLU B 13 -7.26 4.56 19.53
N PRO B 14 -7.85 5.68 19.06
CA PRO B 14 -6.98 6.60 18.28
C PRO B 14 -5.62 6.90 18.86
N GLU B 15 -4.61 6.67 18.07
CA GLU B 15 -3.24 6.84 18.43
C GLU B 15 -3.03 8.24 19.01
N PRO B 16 -2.47 8.33 20.20
CA PRO B 16 -2.31 9.61 20.92
C PRO B 16 -1.62 10.77 20.14
N THR B 17 -0.55 10.50 19.43
CA THR B 17 0.20 11.54 18.67
C THR B 17 -0.62 12.24 17.60
N THR B 18 -1.46 11.53 16.85
CA THR B 18 -2.03 12.11 15.64
C THR B 18 -3.52 12.12 15.82
N LEU B 19 -4.02 11.31 16.74
CA LEU B 19 -5.45 11.05 16.91
C LEU B 19 -6.18 10.53 15.66
N SER B 20 -5.42 9.91 14.78
CA SER B 20 -5.95 9.22 13.63
C SER B 20 -7.12 8.27 13.91
N ARG B 21 -8.17 8.36 13.09
CA ARG B 21 -9.37 7.62 13.39
C ARG B 21 -9.20 6.18 12.83
N GLN B 22 -8.62 6.12 11.64
CA GLN B 22 -8.21 4.88 11.00
C GLN B 22 -6.93 4.40 11.68
N VAL B 23 -6.76 3.09 11.67
CA VAL B 23 -5.55 2.45 12.15
C VAL B 23 -4.37 2.76 11.22
N PRO B 24 -3.25 3.23 11.77
CA PRO B 24 -2.06 3.48 10.88
C PRO B 24 -1.43 2.16 10.43
N ILE B 25 -0.70 2.21 9.31
CA ILE B 25 0.12 1.12 8.87
C ILE B 25 1.56 1.48 9.28
N TYR B 26 2.28 0.57 9.94
CA TYR B 26 3.64 0.79 10.42
C TYR B 26 4.55 -0.08 9.58
N PRO B 27 4.91 0.42 8.40
CA PRO B 27 5.73 -0.46 7.56
C PRO B 27 7.13 -0.22 8.06
N THR B 28 7.38 -0.83 9.21
CA THR B 28 8.66 -0.72 9.84
C THR B 28 9.20 -2.12 10.27
N THR B 29 10.49 -2.22 10.30
CA THR B 29 11.25 -3.37 10.63
C THR B 29 11.66 -3.25 12.15
N SER B 30 11.72 -2.02 12.69
CA SER B 30 12.34 -1.75 13.95
C SER B 30 11.70 -0.61 14.66
N TYR B 31 12.02 -0.49 15.94
CA TYR B 31 11.46 0.51 16.84
C TYR B 31 12.65 1.00 17.66
N VAL B 32 12.78 2.30 17.77
CA VAL B 32 13.85 2.81 18.56
C VAL B 32 13.59 2.36 20.03
N PHE B 33 14.64 2.10 20.78
CA PHE B 33 14.45 1.72 22.19
C PHE B 33 14.34 2.91 23.06
N LYS B 34 13.24 2.99 23.81
CA LYS B 34 13.05 4.10 24.76
C LYS B 34 14.23 4.34 25.75
N SER B 35 14.85 3.27 26.29
CA SER B 35 16.03 3.33 27.21
C SER B 35 16.68 1.94 27.19
N PRO B 36 17.94 1.81 27.67
CA PRO B 36 18.48 0.41 27.74
C PRO B 36 17.67 -0.50 28.67
N GLU B 37 17.04 0.06 29.70
CA GLU B 37 16.22 -0.72 30.64
C GLU B 37 15.05 -1.32 29.88
N HIS B 38 14.27 -0.47 29.17
CA HIS B 38 13.15 -0.97 28.37
C HIS B 38 13.65 -2.02 27.40
N ALA B 39 14.80 -1.77 26.80
CA ALA B 39 15.35 -2.72 25.88
C ALA B 39 15.70 -4.05 26.55
N ALA B 40 16.44 -4.01 27.68
CA ALA B 40 16.60 -5.25 28.54
C ALA B 40 15.26 -5.95 28.85
N ASN B 41 14.28 -5.18 29.27
CA ASN B 41 12.97 -5.75 29.46
C ASN B 41 12.33 -6.43 28.28
N LEU B 42 12.42 -5.83 27.08
CA LEU B 42 11.87 -6.46 25.90
C LEU B 42 12.46 -7.82 25.67
N PHE B 43 13.81 -7.96 25.76
CA PHE B 43 14.45 -9.24 25.49
C PHE B 43 14.27 -10.32 26.55
N ALA B 44 13.95 -9.88 27.76
CA ALA B 44 13.55 -10.72 28.90
C ALA B 44 12.02 -10.99 28.96
N LEU B 45 11.22 -10.41 28.06
CA LEU B 45 9.78 -10.65 28.09
C LEU B 45 9.14 -10.01 29.30
N LYS B 46 9.87 -9.11 29.93
CA LYS B 46 9.32 -8.38 31.05
C LYS B 46 8.29 -7.31 30.65
N GLU B 47 8.26 -6.75 29.46
CA GLU B 47 7.14 -5.79 29.32
C GLU B 47 6.14 -6.17 28.22
N PHE B 48 5.54 -7.35 28.35
CA PHE B 48 4.95 -8.01 27.22
C PHE B 48 4.12 -7.15 26.23
N GLY B 49 2.90 -6.76 26.61
CA GLY B 49 2.07 -6.01 25.63
C GLY B 49 2.58 -4.68 25.07
N ASN B 50 3.56 -4.07 25.78
CA ASN B 50 3.90 -2.61 25.64
C ASN B 50 5.04 -2.18 24.70
N ILE B 51 6.01 -3.06 24.44
CA ILE B 51 7.13 -2.71 23.56
C ILE B 51 6.97 -3.43 22.26
N TYR B 52 6.96 -2.67 21.18
CA TYR B 52 6.88 -3.26 19.86
C TYR B 52 8.21 -3.76 19.34
N SER B 53 8.14 -4.70 18.39
CA SER B 53 9.33 -5.38 17.80
C SER B 53 9.00 -6.13 16.45
N ARG B 54 10.06 -6.63 15.80
CA ARG B 54 9.96 -7.39 14.59
C ARG B 54 8.86 -8.49 14.72
N ILE B 55 8.51 -8.88 15.97
CA ILE B 55 7.50 -9.97 16.29
C ILE B 55 6.21 -9.50 16.97
N MET B 56 6.06 -8.19 17.20
CA MET B 56 4.75 -7.62 17.55
C MET B 56 4.67 -6.29 16.76
N ASN B 57 3.97 -6.24 15.63
CA ASN B 57 3.87 -4.96 14.95
C ASN B 57 2.58 -4.26 15.42
N PRO B 58 2.54 -2.92 15.55
CA PRO B 58 1.25 -2.37 16.09
C PRO B 58 0.06 -2.50 15.14
N THR B 59 0.30 -2.53 13.81
CA THR B 59 -0.86 -2.68 12.97
C THR B 59 -1.34 -4.14 13.14
N VAL B 60 -0.43 -5.13 13.24
CA VAL B 60 -0.81 -6.51 13.33
C VAL B 60 -1.48 -6.71 14.72
N ASP B 61 -0.95 -6.04 15.72
CA ASP B 61 -1.55 -6.08 17.06
C ASP B 61 -3.03 -5.72 17.10
N VAL B 62 -3.47 -4.68 16.40
CA VAL B 62 -4.92 -4.41 16.31
C VAL B 62 -5.76 -5.59 15.71
N LEU B 63 -5.24 -6.22 14.67
CA LEU B 63 -5.92 -7.32 14.06
C LEU B 63 -6.12 -8.46 15.12
N GLU B 64 -5.08 -8.72 15.88
CA GLU B 64 -5.06 -9.82 16.77
C GLU B 64 -6.09 -9.56 17.89
N LYS B 65 -5.95 -8.45 18.59
CA LYS B 65 -6.85 -8.14 19.66
C LYS B 65 -8.25 -8.16 19.09
N ARG B 66 -8.42 -7.76 17.83
CA ARG B 66 -9.77 -7.71 17.38
C ARG B 66 -10.36 -9.10 17.14
N LEU B 67 -9.64 -9.90 16.37
CA LEU B 67 -9.97 -11.28 16.20
C LEU B 67 -10.26 -11.95 17.59
N ALA B 68 -9.42 -11.80 18.60
CA ALA B 68 -9.71 -12.43 19.90
C ALA B 68 -11.10 -12.03 20.39
N ALA B 69 -11.39 -10.71 20.29
CA ALA B 69 -12.70 -10.25 20.72
C ALA B 69 -13.80 -10.90 19.86
N LEU B 70 -13.60 -11.03 18.57
CA LEU B 70 -14.67 -11.56 17.77
C LEU B 70 -14.95 -13.07 18.09
N GLU B 71 -13.89 -13.81 18.44
CA GLU B 71 -13.97 -15.22 18.82
C GLU B 71 -14.33 -15.45 20.32
N GLY B 72 -14.37 -14.39 21.16
CA GLY B 72 -14.72 -14.50 22.55
C GLY B 72 -13.49 -15.00 23.27
N GLY B 73 -12.34 -14.82 22.66
CA GLY B 73 -11.13 -15.42 23.23
C GLY B 73 -10.32 -14.44 24.00
N LYS B 74 -9.12 -14.81 24.39
CA LYS B 74 -8.39 -13.83 25.16
C LYS B 74 -7.30 -13.14 24.39
N ALA B 75 -6.59 -13.82 23.52
CA ALA B 75 -5.50 -13.23 22.78
C ALA B 75 -5.39 -13.97 21.43
N ALA B 76 -4.67 -13.41 20.46
CA ALA B 76 -4.57 -14.03 19.14
C ALA B 76 -3.24 -13.68 18.62
N LEU B 77 -2.85 -14.35 17.53
CA LEU B 77 -1.53 -14.20 17.02
C LEU B 77 -1.67 -14.42 15.55
N ALA B 78 -1.18 -13.43 14.80
CA ALA B 78 -1.41 -13.44 13.34
C ALA B 78 -0.24 -14.08 12.62
N THR B 79 -0.50 -14.76 11.53
CA THR B 79 0.70 -15.26 10.77
C THR B 79 0.58 -14.98 9.29
N ALA B 80 1.63 -15.29 8.55
CA ALA B 80 1.60 -15.02 7.09
C ALA B 80 0.50 -15.80 6.36
N SER B 81 -0.15 -16.83 6.93
CA SER B 81 -1.22 -17.54 6.16
C SER B 81 -1.95 -18.51 7.06
N GLY B 82 -3.12 -18.98 6.64
CA GLY B 82 -3.82 -20.05 7.44
C GLY B 82 -2.89 -21.29 7.65
N HIS B 83 -2.22 -21.79 6.58
CA HIS B 83 -1.29 -22.91 6.74
C HIS B 83 -0.32 -22.51 7.84
N ALA B 84 0.20 -21.28 7.87
CA ALA B 84 1.35 -21.07 8.76
C ALA B 84 0.82 -20.99 10.16
N ALA B 85 -0.46 -20.63 10.30
CA ALA B 85 -1.01 -20.57 11.63
C ALA B 85 -1.18 -22.04 12.17
N GLN B 86 -1.74 -22.94 11.36
CA GLN B 86 -1.83 -24.36 11.72
C GLN B 86 -0.44 -24.97 12.07
N PHE B 87 0.55 -24.68 11.26
CA PHE B 87 1.85 -25.20 11.51
C PHE B 87 2.40 -24.56 12.79
N LEU B 88 2.24 -23.26 12.98
CA LEU B 88 2.88 -22.69 14.14
C LEU B 88 2.16 -23.20 15.40
N ALA B 89 0.87 -23.46 15.31
CA ALA B 89 0.15 -23.87 16.50
C ALA B 89 0.64 -25.27 16.89
N LEU B 90 0.54 -26.21 15.97
CA LEU B 90 0.89 -27.57 16.22
C LEU B 90 2.35 -27.65 16.67
N THR B 91 3.16 -26.81 16.13
CA THR B 91 4.60 -26.92 16.39
C THR B 91 4.97 -26.24 17.71
N THR B 92 4.00 -25.62 18.38
CA THR B 92 4.23 -24.97 19.61
C THR B 92 3.94 -25.96 20.75
N LEU B 93 2.99 -26.88 20.52
CA LEU B 93 2.65 -27.87 21.52
C LEU B 93 3.25 -29.25 21.27
N ALA B 94 3.78 -29.54 20.07
CA ALA B 94 4.23 -30.88 19.70
C ALA B 94 5.63 -30.77 19.18
N GLN B 95 6.45 -31.81 19.34
CA GLN B 95 7.85 -31.87 18.78
C GLN B 95 8.04 -33.28 18.23
N ALA B 96 9.20 -33.56 17.61
CA ALA B 96 9.44 -34.90 17.04
C ALA B 96 9.23 -35.96 18.13
N GLY B 97 8.50 -37.02 17.79
CA GLY B 97 8.20 -38.02 18.75
C GLY B 97 6.74 -37.98 19.13
N ASP B 98 6.11 -36.78 19.11
CA ASP B 98 4.72 -36.65 19.55
C ASP B 98 3.78 -37.07 18.44
N ASN B 99 2.49 -37.06 18.73
CA ASN B 99 1.52 -37.32 17.65
C ASN B 99 0.29 -36.40 17.94
N ILE B 100 -0.63 -36.29 16.99
CA ILE B 100 -1.88 -35.61 17.25
C ILE B 100 -3.00 -36.40 16.56
N VAL B 101 -4.24 -36.17 16.96
CA VAL B 101 -5.29 -36.96 16.36
C VAL B 101 -6.21 -36.01 15.59
N SER B 102 -6.53 -36.33 14.34
CA SER B 102 -7.30 -35.44 13.53
C SER B 102 -8.47 -36.09 12.81
N THR B 103 -9.58 -35.40 12.67
CA THR B 103 -10.51 -35.84 11.66
C THR B 103 -9.76 -35.98 10.37
N PRO B 104 -10.20 -36.89 9.51
CA PRO B 104 -9.58 -36.82 8.16
C PRO B 104 -10.41 -35.99 7.19
N ASN B 105 -11.48 -35.33 7.64
CA ASN B 105 -12.26 -34.51 6.71
C ASN B 105 -11.68 -33.10 6.54
N LEU B 106 -10.54 -33.01 5.89
CA LEU B 106 -9.66 -31.89 6.01
C LEU B 106 -9.65 -31.13 4.68
N TYR B 107 -9.54 -29.78 4.72
CA TYR B 107 -9.12 -28.90 3.61
C TYR B 107 -7.93 -29.60 2.89
N GLY B 108 -7.95 -29.59 1.55
CA GLY B 108 -6.94 -30.30 0.76
C GLY B 108 -5.56 -29.99 1.33
N GLY B 109 -5.29 -28.70 1.52
CA GLY B 109 -3.96 -28.32 1.96
C GLY B 109 -3.61 -28.74 3.37
N THR B 110 -4.56 -28.80 4.31
CA THR B 110 -4.18 -29.20 5.65
C THR B 110 -3.89 -30.71 5.82
N PHE B 111 -4.49 -31.52 4.94
CA PHE B 111 -4.28 -32.94 4.84
C PHE B 111 -2.82 -33.17 4.48
N ASN B 112 -2.39 -32.47 3.49
CA ASN B 112 -1.08 -32.74 3.04
C ASN B 112 -0.05 -32.23 4.04
N GLN B 113 -0.41 -31.20 4.78
CA GLN B 113 0.47 -30.63 5.78
C GLN B 113 0.68 -31.65 6.92
N PHE B 114 -0.39 -32.34 7.23
CA PHE B 114 -0.43 -33.36 8.28
C PHE B 114 0.38 -34.63 7.89
N LYS B 115 0.08 -35.10 6.71
CA LYS B 115 0.55 -36.33 6.22
C LYS B 115 2.00 -36.35 5.70
N VAL B 116 2.53 -35.24 5.20
CA VAL B 116 3.85 -35.18 4.57
C VAL B 116 4.75 -34.31 5.43
N THR B 117 4.36 -33.07 5.65
CA THR B 117 5.25 -32.15 6.35
C THR B 117 5.46 -32.48 7.83
N LEU B 118 4.37 -32.78 8.51
CA LEU B 118 4.49 -33.00 9.95
C LEU B 118 5.17 -34.38 10.17
N LYS B 119 4.72 -35.38 9.37
CA LYS B 119 5.34 -36.67 9.32
C LYS B 119 6.85 -36.51 9.21
N ARG B 120 7.34 -35.77 8.22
CA ARG B 120 8.77 -35.61 8.07
C ARG B 120 9.52 -35.00 9.23
N LEU B 121 8.78 -34.30 10.05
CA LEU B 121 9.39 -33.60 11.17
C LEU B 121 9.05 -34.38 12.45
N GLY B 122 8.55 -35.62 12.27
CA GLY B 122 8.46 -36.59 13.36
C GLY B 122 7.30 -36.33 14.30
N ILE B 123 6.20 -35.84 13.72
CA ILE B 123 5.03 -35.52 14.43
C ILE B 123 3.99 -36.34 13.70
N GLU B 124 3.44 -37.34 14.39
CA GLU B 124 2.60 -38.32 13.74
C GLU B 124 1.16 -37.82 13.81
N VAL B 125 0.54 -37.81 12.65
CA VAL B 125 -0.84 -37.47 12.69
C VAL B 125 -1.63 -38.73 12.55
N ARG B 126 -2.46 -39.06 13.54
CA ARG B 126 -3.33 -40.23 13.49
C ARG B 126 -4.71 -39.79 13.13
N PHE B 127 -5.32 -40.46 12.16
CA PHE B 127 -6.69 -40.20 11.73
C PHE B 127 -7.85 -41.05 12.24
N THR B 128 -8.79 -40.44 12.89
CA THR B 128 -10.15 -40.89 12.97
C THR B 128 -10.78 -41.44 11.67
N SER B 129 -11.92 -42.10 11.81
CA SER B 129 -12.77 -42.48 10.68
C SER B 129 -13.47 -41.20 10.13
N ARG B 130 -14.06 -41.27 8.94
CA ARG B 130 -14.82 -40.10 8.47
C ARG B 130 -15.96 -39.68 9.41
N GLU B 131 -16.26 -40.43 10.46
CA GLU B 131 -17.40 -39.92 11.27
C GLU B 131 -16.92 -39.23 12.52
N GLU B 132 -15.60 -39.22 12.67
CA GLU B 132 -14.92 -38.41 13.65
C GLU B 132 -15.64 -38.40 15.01
N ARG B 133 -15.90 -39.57 15.58
CA ARG B 133 -16.54 -39.63 16.90
C ARG B 133 -15.65 -39.38 18.09
N PRO B 134 -16.20 -38.73 19.13
CA PRO B 134 -15.29 -38.56 20.26
C PRO B 134 -14.59 -39.85 20.71
N GLU B 135 -15.31 -41.00 20.78
CA GLU B 135 -14.69 -42.34 21.06
C GLU B 135 -13.43 -42.58 20.24
N GLU B 136 -13.50 -42.39 18.92
CA GLU B 136 -12.30 -42.60 18.11
C GLU B 136 -11.21 -41.62 18.42
N PHE B 137 -11.57 -40.41 18.82
CA PHE B 137 -10.49 -39.52 19.29
C PHE B 137 -9.76 -40.11 20.45
N LEU B 138 -10.54 -40.62 21.40
CA LEU B 138 -10.06 -41.08 22.70
C LEU B 138 -9.21 -42.33 22.44
N ALA B 139 -9.78 -43.24 21.66
CA ALA B 139 -9.15 -44.48 21.30
C ALA B 139 -7.79 -44.20 20.73
N LEU B 140 -7.63 -43.16 19.89
CA LEU B 140 -6.29 -42.91 19.27
C LEU B 140 -5.35 -42.15 20.17
N THR B 141 -5.78 -41.70 21.33
CA THR B 141 -4.84 -40.84 22.03
C THR B 141 -3.91 -41.55 23.01
N ASP B 142 -2.67 -41.12 23.21
CA ASP B 142 -1.80 -41.78 24.20
C ASP B 142 -1.05 -40.73 24.97
N GLU B 143 -0.06 -41.10 25.76
CA GLU B 143 0.72 -40.17 26.56
C GLU B 143 1.42 -39.04 25.76
N LYS B 144 1.73 -39.31 24.50
CA LYS B 144 2.42 -38.38 23.64
C LYS B 144 1.45 -37.59 22.71
N THR B 145 0.16 -37.90 22.74
CA THR B 145 -0.84 -37.13 22.03
C THR B 145 -0.94 -35.71 22.55
N ARG B 146 -0.91 -34.79 21.60
CA ARG B 146 -0.62 -33.43 21.93
C ARG B 146 -1.77 -32.43 21.62
N ALA B 147 -2.64 -32.83 20.69
CA ALA B 147 -3.83 -32.13 20.37
C ALA B 147 -4.75 -33.06 19.65
N TRP B 148 -6.03 -32.66 19.60
CA TRP B 148 -6.97 -33.15 18.59
C TRP B 148 -7.35 -32.01 17.70
N TRP B 149 -7.53 -32.32 16.41
CA TRP B 149 -7.77 -31.37 15.39
C TRP B 149 -9.08 -31.65 14.78
N VAL B 150 -9.95 -30.65 14.68
CA VAL B 150 -11.07 -30.79 13.78
C VAL B 150 -11.43 -29.41 13.17
N GLU B 151 -12.24 -29.40 12.11
CA GLU B 151 -12.67 -28.18 11.40
C GLU B 151 -14.12 -27.90 11.70
N SER B 152 -14.54 -26.63 11.74
CA SER B 152 -15.94 -26.35 12.01
C SER B 152 -16.90 -26.93 10.96
N ILE B 153 -16.44 -27.07 9.73
CA ILE B 153 -17.25 -27.63 8.71
C ILE B 153 -16.27 -28.39 7.83
N GLY B 154 -16.38 -29.72 7.79
CA GLY B 154 -15.28 -30.55 7.26
C GLY B 154 -15.29 -30.67 5.77
N ASN B 155 -14.18 -31.19 5.25
CA ASN B 155 -13.70 -30.66 4.00
C ASN B 155 -14.64 -31.04 3.03
N PRO B 156 -14.57 -32.34 2.57
CA PRO B 156 -15.34 -32.58 1.26
C PRO B 156 -16.84 -32.68 1.56
N ALA B 157 -17.27 -33.35 2.62
CA ALA B 157 -18.75 -33.62 2.66
C ALA B 157 -19.60 -32.55 3.36
N LEU B 158 -18.88 -31.58 3.98
CA LEU B 158 -19.48 -30.39 4.63
C LEU B 158 -20.20 -30.86 5.90
N ASN B 159 -19.55 -31.79 6.60
CA ASN B 159 -20.06 -32.31 7.84
C ASN B 159 -19.71 -31.38 8.95
N ILE B 160 -20.54 -31.34 9.99
CA ILE B 160 -20.28 -30.53 11.17
C ILE B 160 -19.85 -31.48 12.26
N PRO B 161 -18.74 -31.21 12.93
CA PRO B 161 -18.33 -32.12 13.97
C PRO B 161 -19.24 -32.08 15.19
N ASP B 162 -18.96 -32.95 16.14
CA ASP B 162 -19.88 -33.17 17.24
C ASP B 162 -19.22 -32.50 18.41
N LEU B 163 -19.35 -31.20 18.31
CA LEU B 163 -18.40 -30.29 18.91
C LEU B 163 -18.51 -30.25 20.42
N GLU B 164 -19.72 -30.17 20.94
CA GLU B 164 -19.89 -30.20 22.40
C GLU B 164 -19.27 -31.47 23.04
N ALA B 165 -19.64 -32.64 22.51
CA ALA B 165 -19.10 -33.89 23.08
C ALA B 165 -17.61 -33.98 22.87
N LEU B 166 -17.14 -33.65 21.64
CA LEU B 166 -15.68 -33.58 21.42
C LEU B 166 -14.95 -32.75 22.44
N ALA B 167 -15.46 -31.56 22.71
CA ALA B 167 -14.76 -30.67 23.62
C ALA B 167 -14.72 -31.28 25.00
N GLN B 168 -15.89 -31.71 25.52
CA GLN B 168 -15.96 -32.36 26.87
C GLN B 168 -14.98 -33.51 27.00
N ALA B 169 -14.99 -34.38 25.99
CA ALA B 169 -14.05 -35.47 25.92
C ALA B 169 -12.59 -35.03 25.95
N ALA B 170 -12.19 -34.10 25.06
CA ALA B 170 -10.81 -33.65 25.07
C ALA B 170 -10.41 -33.09 26.45
N ARG B 171 -11.32 -32.35 27.06
CA ARG B 171 -10.98 -31.68 28.31
C ARG B 171 -10.89 -32.68 29.43
N GLU B 172 -11.86 -33.61 29.42
CA GLU B 172 -11.94 -34.73 30.31
C GLU B 172 -10.62 -35.51 30.29
N LYS B 173 -10.16 -35.81 29.10
CA LYS B 173 -8.83 -36.37 28.92
C LYS B 173 -7.58 -35.45 29.14
N GLY B 174 -7.75 -34.12 29.17
CA GLY B 174 -6.61 -33.17 29.22
C GLY B 174 -5.79 -33.01 27.92
N VAL B 175 -6.41 -33.23 26.75
CA VAL B 175 -5.88 -32.80 25.44
C VAL B 175 -6.51 -31.46 24.92
N ALA B 176 -5.62 -30.58 24.49
CA ALA B 176 -6.00 -29.38 23.76
C ALA B 176 -6.79 -29.75 22.49
N LEU B 177 -8.07 -29.37 22.45
CA LEU B 177 -8.86 -29.52 21.23
C LEU B 177 -8.64 -28.22 20.40
N ILE B 178 -8.19 -28.36 19.14
CA ILE B 178 -8.00 -27.24 18.27
C ILE B 178 -9.02 -27.34 17.16
N VAL B 179 -9.84 -26.29 16.98
CA VAL B 179 -10.78 -26.18 15.84
C VAL B 179 -10.35 -25.11 14.77
N ASP B 180 -10.24 -25.57 13.53
CA ASP B 180 -10.05 -24.74 12.42
C ASP B 180 -11.39 -24.15 12.11
N ASN B 181 -11.56 -22.91 12.51
CA ASN B 181 -12.84 -22.26 12.44
C ASN B 181 -12.95 -21.40 11.20
N THR B 182 -12.04 -21.60 10.23
CA THR B 182 -12.18 -20.81 9.06
C THR B 182 -13.61 -20.70 8.58
N PHE B 183 -14.39 -21.79 8.53
CA PHE B 183 -15.72 -21.73 7.82
C PHE B 183 -16.71 -21.07 8.76
N GLY B 184 -16.32 -20.86 10.01
CA GLY B 184 -17.16 -20.05 10.92
C GLY B 184 -17.00 -18.48 10.83
N MET B 185 -16.24 -17.97 9.80
CA MET B 185 -16.23 -16.51 9.50
C MET B 185 -15.82 -15.72 10.80
N GLY B 186 -14.66 -16.02 11.37
CA GLY B 186 -14.12 -15.22 12.40
C GLY B 186 -14.89 -15.27 13.70
N GLY B 187 -15.76 -16.24 13.89
CA GLY B 187 -16.50 -16.31 15.14
C GLY B 187 -17.91 -15.75 14.87
N TYR B 188 -18.20 -15.25 13.70
CA TYR B 188 -19.48 -14.72 13.55
C TYR B 188 -20.54 -15.86 13.54
N LEU B 189 -20.31 -16.87 12.73
CA LEU B 189 -21.29 -17.95 12.61
C LEU B 189 -21.18 -18.90 13.82
N LEU B 190 -20.00 -18.98 14.47
CA LEU B 190 -19.72 -19.98 15.51
C LEU B 190 -18.47 -19.64 16.25
N ARG B 191 -18.51 -19.74 17.58
CA ARG B 191 -17.29 -19.56 18.38
C ARG B 191 -16.92 -20.85 19.10
N PRO B 192 -16.00 -21.62 18.53
CA PRO B 192 -15.64 -22.89 19.18
C PRO B 192 -15.15 -22.76 20.59
N LEU B 193 -14.57 -21.64 20.92
CA LEU B 193 -14.07 -21.54 22.26
C LEU B 193 -15.27 -21.53 23.21
N ALA B 194 -16.40 -21.04 22.75
CA ALA B 194 -17.55 -20.96 23.64
C ALA B 194 -18.05 -22.38 23.97
N TRP B 195 -17.71 -23.37 23.14
CA TRP B 195 -18.21 -24.69 23.33
C TRP B 195 -17.12 -25.53 23.94
N GLY B 196 -16.11 -24.89 24.51
CA GLY B 196 -14.98 -25.55 25.12
C GLY B 196 -13.73 -25.95 24.30
N ALA B 197 -13.60 -25.59 23.00
CA ALA B 197 -12.30 -25.81 22.33
C ALA B 197 -11.23 -25.07 23.13
N ALA B 198 -9.98 -25.53 23.07
CA ALA B 198 -8.83 -24.88 23.71
C ALA B 198 -8.29 -23.68 22.85
N LEU B 199 -8.30 -23.83 21.51
CA LEU B 199 -7.59 -23.03 20.58
C LEU B 199 -8.41 -23.10 19.32
N VAL B 200 -8.38 -21.97 18.59
CA VAL B 200 -8.93 -21.82 17.27
C VAL B 200 -7.88 -21.28 16.27
N THR B 201 -8.08 -21.66 15.05
CA THR B 201 -7.18 -21.39 14.00
C THR B 201 -8.00 -20.86 12.86
N HIS B 202 -7.42 -19.92 12.11
CA HIS B 202 -8.12 -19.40 10.93
C HIS B 202 -7.22 -19.20 9.73
N SER B 203 -7.80 -19.40 8.53
CA SER B 203 -7.22 -18.81 7.33
C SER B 203 -8.01 -17.52 7.12
N LEU B 204 -7.40 -16.39 7.48
CA LEU B 204 -8.07 -15.06 7.42
C LEU B 204 -8.18 -14.74 5.97
N THR B 205 -7.43 -15.46 5.17
CA THR B 205 -7.47 -15.27 3.73
C THR B 205 -8.85 -15.46 3.10
N LYS B 206 -9.65 -16.22 3.81
CA LYS B 206 -10.99 -16.50 3.39
C LYS B 206 -11.98 -15.43 3.88
N TRP B 207 -12.99 -15.76 4.71
CA TRP B 207 -14.13 -14.81 4.80
C TRP B 207 -13.73 -13.60 5.69
N VAL B 208 -12.77 -13.74 6.62
CA VAL B 208 -12.47 -12.63 7.47
C VAL B 208 -11.92 -11.41 6.65
N GLY B 209 -10.79 -11.61 5.96
CA GLY B 209 -10.37 -10.76 4.89
C GLY B 209 -11.44 -10.41 3.92
N GLY B 210 -12.11 -11.40 3.30
CA GLY B 210 -13.35 -11.19 2.63
C GLY B 210 -13.27 -10.81 1.16
N HIS B 211 -12.18 -10.11 0.72
CA HIS B 211 -12.21 -9.47 -0.62
C HIS B 211 -11.19 -10.07 -1.52
N GLY B 212 -10.67 -11.23 -1.07
CA GLY B 212 -9.76 -12.01 -1.85
C GLY B 212 -8.50 -11.22 -2.07
N ALA B 213 -8.15 -10.38 -1.10
CA ALA B 213 -7.03 -9.46 -1.37
C ALA B 213 -5.78 -9.77 -0.66
N VAL B 214 -5.84 -10.52 0.44
CA VAL B 214 -4.66 -10.79 1.20
C VAL B 214 -4.65 -12.23 1.80
N ILE B 215 -3.43 -12.82 1.90
CA ILE B 215 -3.24 -14.09 2.49
C ILE B 215 -2.81 -13.86 3.90
N ALA B 216 -3.45 -14.55 4.85
CA ALA B 216 -3.23 -14.23 6.26
C ALA B 216 -3.81 -15.36 7.14
N GLY B 217 -3.21 -15.63 8.30
CA GLY B 217 -3.82 -16.63 9.19
C GLY B 217 -3.74 -16.21 10.65
N ALA B 218 -4.39 -16.96 11.56
CA ALA B 218 -4.29 -16.59 13.00
C ALA B 218 -4.58 -17.73 13.94
N ILE B 219 -4.02 -17.65 15.14
CA ILE B 219 -4.33 -18.55 16.20
C ILE B 219 -5.05 -17.74 17.28
N VAL B 220 -6.09 -18.30 17.86
CA VAL B 220 -6.81 -17.63 18.93
C VAL B 220 -6.81 -18.56 20.17
N ASP B 221 -6.38 -18.02 21.30
CA ASP B 221 -6.22 -18.70 22.57
C ASP B 221 -7.38 -18.31 23.52
N GLY B 222 -8.11 -19.29 24.05
CA GLY B 222 -9.18 -19.00 24.99
C GLY B 222 -8.64 -18.62 26.36
N GLY B 223 -7.38 -18.95 26.64
CA GLY B 223 -6.80 -18.70 27.93
C GLY B 223 -7.39 -19.55 29.06
N ASN B 224 -8.02 -20.67 28.75
CA ASN B 224 -8.66 -21.46 29.81
C ASN B 224 -8.40 -22.95 29.66
N PHE B 225 -7.24 -23.34 29.20
CA PHE B 225 -7.00 -24.73 29.06
C PHE B 225 -5.78 -24.98 29.92
N PRO B 226 -5.82 -25.98 30.81
CA PRO B 226 -4.63 -26.10 31.72
C PRO B 226 -3.42 -26.75 31.00
N TRP B 227 -2.30 -26.06 30.95
CA TRP B 227 -1.11 -26.56 30.25
C TRP B 227 -0.20 -27.30 31.24
N GLU B 228 -0.47 -27.03 32.54
CA GLU B 228 0.18 -27.61 33.71
C GLU B 228 0.16 -29.15 33.77
N GLY B 229 -0.97 -29.77 33.43
CA GLY B 229 -1.07 -31.27 33.38
C GLY B 229 0.23 -32.11 33.45
N GLY B 230 1.09 -32.07 32.43
CA GLY B 230 2.25 -32.98 32.35
C GLY B 230 2.21 -33.46 30.91
N ARG B 231 1.06 -33.25 30.25
CA ARG B 231 0.96 -33.49 28.79
C ARG B 231 1.77 -32.47 27.87
N TYR B 232 2.17 -31.29 28.42
CA TYR B 232 2.77 -30.20 27.65
C TYR B 232 4.13 -29.75 28.14
N PRO B 233 5.10 -30.67 28.08
CA PRO B 233 6.39 -30.24 28.64
C PRO B 233 6.92 -29.01 27.84
N LEU B 234 6.58 -28.96 26.55
CA LEU B 234 7.05 -27.84 25.75
C LEU B 234 6.61 -26.48 26.35
N LEU B 235 5.40 -26.41 26.91
CA LEU B 235 4.93 -25.22 27.58
C LEU B 235 5.48 -24.97 28.96
N THR B 236 5.94 -26.04 29.63
CA THR B 236 6.38 -25.92 31.05
C THR B 236 7.91 -25.90 31.20
N GLU B 237 8.64 -26.52 30.27
CA GLU B 237 10.11 -26.57 30.34
C GLU B 237 10.70 -25.21 30.67
N PRO B 238 11.88 -25.17 31.30
CA PRO B 238 12.55 -23.83 31.28
C PRO B 238 12.92 -23.59 29.82
N GLN B 239 12.93 -22.34 29.37
CA GLN B 239 13.01 -22.14 27.94
C GLN B 239 14.40 -21.72 27.49
N PRO B 240 15.03 -22.56 26.66
CA PRO B 240 16.44 -22.29 26.25
C PRO B 240 16.64 -20.94 25.51
N GLY B 241 15.67 -20.55 24.68
CA GLY B 241 15.69 -19.22 24.06
C GLY B 241 15.57 -18.03 25.01
N TYR B 242 15.23 -18.23 26.28
CA TYR B 242 14.99 -17.10 27.18
C TYR B 242 15.58 -17.46 28.50
N HIS B 243 16.78 -18.08 28.42
CA HIS B 243 17.66 -18.28 29.58
C HIS B 243 16.92 -19.05 30.68
N GLY B 244 16.25 -20.13 30.31
CA GLY B 244 15.46 -20.91 31.29
C GLY B 244 14.18 -20.37 31.93
N LEU B 245 13.61 -19.28 31.38
CA LEU B 245 12.25 -18.85 31.74
C LEU B 245 11.17 -19.92 31.53
N ARG B 246 10.25 -19.96 32.47
CA ARG B 246 9.16 -20.91 32.43
C ARG B 246 7.87 -20.16 32.12
N LEU B 247 7.47 -20.36 30.87
CA LEU B 247 6.35 -19.70 30.26
C LEU B 247 5.02 -19.88 31.04
N THR B 248 4.73 -21.11 31.49
CA THR B 248 3.54 -21.37 32.38
C THR B 248 3.66 -20.62 33.70
N GLU B 249 4.87 -20.43 34.17
CA GLU B 249 5.00 -19.61 35.35
C GLU B 249 4.89 -18.09 35.18
N ALA B 250 5.57 -17.53 34.15
CA ALA B 250 5.54 -16.10 33.85
C ALA B 250 4.20 -15.61 33.26
N PHE B 251 3.37 -16.47 32.69
CA PHE B 251 2.27 -15.96 31.89
C PHE B 251 1.01 -16.72 32.13
N GLY B 252 1.05 -17.72 33.02
CA GLY B 252 -0.18 -18.32 33.51
C GLY B 252 -1.04 -18.85 32.39
N GLU B 253 -2.29 -18.38 32.25
CA GLU B 253 -3.14 -19.10 31.29
C GLU B 253 -2.97 -18.72 29.81
N LEU B 254 -2.04 -17.80 29.58
CA LEU B 254 -1.80 -17.30 28.25
C LEU B 254 -0.51 -17.93 27.72
N ALA B 255 0.02 -18.92 28.43
CA ALA B 255 1.34 -19.40 28.10
C ALA B 255 1.43 -19.89 26.64
N PHE B 256 0.32 -20.39 26.10
CA PHE B 256 0.42 -20.90 24.77
C PHE B 256 0.66 -19.79 23.73
N ILE B 257 -0.24 -18.80 23.71
CA ILE B 257 -0.20 -17.72 22.77
C ILE B 257 1.08 -16.96 22.94
N VAL B 258 1.58 -16.88 24.17
CA VAL B 258 2.86 -16.21 24.39
C VAL B 258 3.97 -17.03 23.75
N LYS B 259 3.98 -18.33 24.02
CA LYS B 259 5.01 -19.18 23.42
C LYS B 259 4.97 -19.16 21.85
N ALA B 260 3.77 -19.25 21.27
CA ALA B 260 3.66 -19.30 19.86
C ALA B 260 4.34 -18.02 19.29
N ARG B 261 4.16 -16.90 20.00
CA ARG B 261 4.86 -15.73 19.60
C ARG B 261 6.36 -15.67 19.88
N VAL B 262 6.77 -15.78 21.15
CA VAL B 262 8.17 -15.45 21.48
C VAL B 262 9.14 -16.54 21.12
N ASP B 263 8.58 -17.70 20.82
CA ASP B 263 9.38 -18.82 20.46
C ASP B 263 9.18 -19.30 19.02
N GLY B 264 7.98 -19.76 18.69
CA GLY B 264 7.74 -20.29 17.36
C GLY B 264 7.87 -19.24 16.25
N LEU B 265 7.12 -18.13 16.40
CA LEU B 265 7.12 -17.02 15.46
C LEU B 265 8.50 -16.43 15.46
N ARG B 266 9.08 -16.22 16.66
CA ARG B 266 10.42 -15.63 16.67
C ARG B 266 11.40 -16.45 15.83
N ASP B 267 11.35 -17.79 15.87
CA ASP B 267 12.36 -18.62 15.19
C ASP B 267 12.07 -19.00 13.72
N GLN B 268 10.79 -19.28 13.46
CA GLN B 268 10.33 -19.70 12.17
C GLN B 268 10.02 -18.48 11.24
N GLY B 269 9.62 -17.30 11.78
CA GLY B 269 9.37 -16.08 11.04
C GLY B 269 8.24 -16.00 9.99
N GLN B 270 7.10 -16.67 10.17
CA GLN B 270 5.88 -16.46 9.40
C GLN B 270 5.14 -15.08 9.74
N ALA B 271 5.90 -13.95 9.88
CA ALA B 271 5.41 -12.57 10.12
C ALA B 271 4.20 -12.34 9.17
N LEU B 272 3.04 -11.97 9.68
CA LEU B 272 2.12 -11.25 8.82
C LEU B 272 2.63 -9.80 8.67
N GLY B 273 2.67 -9.33 7.46
CA GLY B 273 3.01 -7.97 7.29
C GLY B 273 1.94 -6.89 7.54
N PRO B 274 2.41 -5.70 7.85
CA PRO B 274 1.41 -4.65 8.20
C PRO B 274 0.45 -4.18 7.10
N PHE B 275 0.82 -4.03 5.82
CA PHE B 275 -0.24 -3.63 4.85
C PHE B 275 -1.31 -4.67 4.86
N GLU B 276 -0.86 -5.94 4.87
CA GLU B 276 -1.71 -7.05 4.71
C GLU B 276 -2.65 -7.06 5.89
N ALA B 277 -2.12 -6.89 7.11
CA ALA B 277 -2.92 -6.88 8.29
C ALA B 277 -3.94 -5.71 8.15
N TRP B 278 -3.45 -4.59 7.58
CA TRP B 278 -4.33 -3.46 7.45
C TRP B 278 -5.51 -3.81 6.46
N VAL B 279 -5.16 -4.44 5.35
CA VAL B 279 -6.20 -4.84 4.44
C VAL B 279 -7.14 -5.89 5.11
N VAL B 280 -6.63 -6.73 5.98
CA VAL B 280 -7.60 -7.59 6.70
C VAL B 280 -8.58 -6.76 7.57
N LEU B 281 -8.10 -5.79 8.32
CA LEU B 281 -8.95 -5.01 9.14
C LEU B 281 -10.06 -4.39 8.33
N LEU B 282 -9.78 -4.02 7.10
CA LEU B 282 -10.77 -3.43 6.28
C LEU B 282 -11.91 -4.40 6.01
N GLY B 283 -11.57 -5.66 5.74
CA GLY B 283 -12.61 -6.65 5.42
C GLY B 283 -13.23 -7.02 6.77
N MET B 284 -12.45 -7.05 7.86
CA MET B 284 -13.09 -7.36 9.14
C MET B 284 -14.21 -6.31 9.41
N GLU B 285 -14.04 -5.05 9.01
CA GLU B 285 -15.04 -4.05 9.39
C GLU B 285 -16.46 -4.39 8.93
N THR B 286 -16.63 -5.16 7.84
CA THR B 286 -17.94 -5.52 7.42
C THR B 286 -18.27 -7.01 7.61
N LEU B 287 -17.49 -7.69 8.43
CA LEU B 287 -17.59 -9.16 8.51
C LEU B 287 -19.05 -9.66 8.72
N SER B 288 -19.76 -9.10 9.68
CA SER B 288 -21.09 -9.56 9.98
C SER B 288 -22.02 -9.27 8.86
N LEU B 289 -21.81 -8.19 8.12
CA LEU B 289 -22.78 -7.87 7.05
C LEU B 289 -22.56 -8.81 5.91
N ARG B 290 -21.31 -9.19 5.70
CA ARG B 290 -21.04 -10.05 4.55
C ARG B 290 -21.49 -11.48 5.00
N ALA B 291 -21.11 -11.85 6.21
CA ALA B 291 -21.54 -13.10 6.71
C ALA B 291 -23.04 -13.29 6.44
N GLU B 292 -23.87 -12.36 6.88
CA GLU B 292 -25.33 -12.53 6.73
C GLU B 292 -25.70 -12.64 5.27
N ARG B 293 -25.24 -11.71 4.44
CA ARG B 293 -25.66 -11.82 3.05
C ARG B 293 -25.12 -13.13 2.44
N HIS B 294 -24.04 -13.70 2.98
CA HIS B 294 -23.43 -14.86 2.34
C HIS B 294 -24.38 -16.03 2.53
N VAL B 295 -24.70 -16.25 3.79
CA VAL B 295 -25.45 -17.33 4.28
C VAL B 295 -26.88 -17.25 3.69
N GLU B 296 -27.48 -16.07 3.58
CA GLU B 296 -28.75 -15.99 2.89
C GLU B 296 -28.59 -16.37 1.45
N ASN B 297 -27.58 -15.88 0.75
CA ASN B 297 -27.48 -16.24 -0.67
C ASN B 297 -27.35 -17.78 -0.80
N THR B 298 -26.63 -18.39 0.14
CA THR B 298 -26.30 -19.79 0.08
C THR B 298 -27.59 -20.65 0.23
N LEU B 299 -28.35 -20.46 1.32
CA LEU B 299 -29.67 -21.04 1.46
C LEU B 299 -30.55 -20.89 0.22
N HIS B 300 -30.71 -19.66 -0.24
CA HIS B 300 -31.55 -19.45 -1.40
C HIS B 300 -31.05 -20.30 -2.57
N LEU B 301 -29.75 -20.34 -2.84
CA LEU B 301 -29.31 -21.06 -4.00
C LEU B 301 -29.39 -22.56 -3.77
N ALA B 302 -29.13 -23.02 -2.55
CA ALA B 302 -29.34 -24.43 -2.20
C ALA B 302 -30.78 -24.90 -2.57
N HIS B 303 -31.82 -24.23 -2.04
CA HIS B 303 -33.17 -24.49 -2.50
C HIS B 303 -33.30 -24.41 -3.99
N TRP B 304 -32.90 -23.32 -4.59
CA TRP B 304 -33.13 -23.16 -5.99
C TRP B 304 -32.45 -24.30 -6.84
N LEU B 305 -31.29 -24.75 -6.41
CA LEU B 305 -30.47 -25.64 -7.23
C LEU B 305 -31.20 -27.03 -7.34
N LEU B 306 -31.80 -27.46 -6.21
CA LEU B 306 -32.62 -28.65 -6.14
C LEU B 306 -33.80 -28.62 -7.11
N GLU B 307 -34.53 -27.51 -7.19
CA GLU B 307 -35.60 -27.43 -8.18
C GLU B 307 -35.10 -27.44 -9.61
N GLN B 308 -33.83 -27.72 -9.81
CA GLN B 308 -33.36 -27.63 -11.17
C GLN B 308 -33.27 -29.03 -11.86
N PRO B 309 -33.97 -29.19 -12.99
CA PRO B 309 -33.93 -30.47 -13.73
C PRO B 309 -32.51 -31.04 -13.96
N GLN B 310 -31.45 -30.21 -14.06
CA GLN B 310 -30.14 -30.81 -14.40
C GLN B 310 -29.29 -31.22 -13.21
N VAL B 311 -29.87 -31.00 -12.04
CA VAL B 311 -29.19 -31.23 -10.81
C VAL B 311 -29.68 -32.48 -10.06
N ALA B 312 -28.77 -33.42 -9.85
CA ALA B 312 -29.14 -34.66 -9.17
C ALA B 312 -29.33 -34.39 -7.72
N TRP B 313 -28.43 -33.65 -7.10
CA TRP B 313 -28.50 -33.47 -5.68
C TRP B 313 -27.74 -32.18 -5.23
N VAL B 314 -28.03 -31.73 -4.00
CA VAL B 314 -27.37 -30.61 -3.43
C VAL B 314 -26.97 -30.88 -1.99
N ASN B 315 -25.71 -30.57 -1.67
CA ASN B 315 -25.27 -30.86 -0.31
C ASN B 315 -25.17 -29.65 0.63
N TYR B 316 -26.10 -28.76 0.77
CA TYR B 316 -25.82 -27.82 1.88
C TYR B 316 -26.30 -28.24 3.29
N PRO B 317 -25.44 -28.21 4.34
CA PRO B 317 -25.96 -28.59 5.67
C PRO B 317 -27.09 -27.78 6.33
N GLY B 318 -27.51 -26.68 5.73
CA GLY B 318 -28.66 -25.95 6.29
C GLY B 318 -29.93 -26.35 5.54
N LEU B 319 -29.85 -27.29 4.60
CA LEU B 319 -31.08 -27.81 3.96
C LEU B 319 -31.84 -28.61 5.03
N PRO B 320 -33.19 -28.53 5.05
CA PRO B 320 -33.98 -29.28 6.08
C PRO B 320 -33.67 -30.77 6.19
N HIS B 321 -33.59 -31.51 5.08
CA HIS B 321 -33.43 -32.98 5.27
C HIS B 321 -32.00 -33.50 5.29
N HIS B 322 -31.06 -32.63 5.67
CA HIS B 322 -29.63 -32.98 5.77
C HIS B 322 -29.35 -33.89 6.99
N PRO B 323 -28.44 -34.89 6.81
CA PRO B 323 -27.86 -35.71 7.90
C PRO B 323 -27.62 -34.87 9.16
N HIS B 324 -26.78 -33.86 9.05
CA HIS B 324 -26.40 -33.12 10.22
C HIS B 324 -27.17 -31.80 10.42
N HIS B 325 -28.47 -31.78 10.10
CA HIS B 325 -29.25 -30.55 10.18
C HIS B 325 -29.49 -30.09 11.61
N ASP B 326 -29.61 -31.03 12.51
CA ASP B 326 -29.79 -30.73 13.94
C ASP B 326 -28.53 -29.95 14.40
N ARG B 327 -27.39 -30.32 13.82
CA ARG B 327 -26.08 -29.79 14.20
C ARG B 327 -25.87 -28.36 13.62
N ALA B 328 -26.38 -28.16 12.42
CA ALA B 328 -26.44 -26.88 11.80
C ALA B 328 -27.20 -25.95 12.71
N GLN B 329 -28.22 -26.44 13.36
CA GLN B 329 -29.04 -25.57 14.18
C GLN B 329 -28.36 -25.37 15.53
N LYS B 330 -27.71 -26.38 16.03
CA LYS B 330 -27.19 -26.31 17.36
C LYS B 330 -26.00 -25.35 17.35
N TYR B 331 -25.19 -25.43 16.28
CA TYR B 331 -23.87 -24.79 16.26
C TYR B 331 -23.81 -23.47 15.51
N PHE B 332 -24.63 -23.31 14.50
CA PHE B 332 -24.48 -22.24 13.54
C PHE B 332 -25.79 -21.52 13.44
N LYS B 333 -26.68 -21.76 14.42
CA LYS B 333 -27.97 -21.20 14.45
C LYS B 333 -28.66 -21.27 13.16
N GLY B 334 -28.57 -22.38 12.43
CA GLY B 334 -29.27 -22.45 11.17
C GLY B 334 -28.50 -22.00 9.95
N LYS B 335 -27.28 -21.46 10.16
CA LYS B 335 -26.47 -20.82 9.09
C LYS B 335 -25.07 -21.41 8.93
N PRO B 336 -24.97 -22.68 8.47
CA PRO B 336 -23.66 -23.35 8.45
C PRO B 336 -22.86 -23.02 7.15
N GLY B 337 -22.38 -21.76 7.09
CA GLY B 337 -21.32 -21.34 6.17
C GLY B 337 -21.84 -21.06 4.81
N ALA B 338 -20.96 -20.89 3.85
CA ALA B 338 -21.40 -20.31 2.59
C ALA B 338 -20.85 -21.10 1.40
N VAL B 339 -20.46 -22.37 1.70
CA VAL B 339 -20.01 -23.36 0.69
C VAL B 339 -21.05 -24.40 0.58
N LEU B 340 -21.50 -24.62 -0.63
CA LEU B 340 -22.32 -25.78 -0.94
C LEU B 340 -21.74 -26.62 -2.10
N THR B 341 -22.32 -27.81 -2.28
CA THR B 341 -21.85 -28.74 -3.27
C THR B 341 -23.03 -29.27 -4.00
N PHE B 342 -22.83 -29.59 -5.28
CA PHE B 342 -23.94 -30.17 -5.99
C PHE B 342 -23.53 -31.07 -7.14
N GLY B 343 -24.33 -32.11 -7.40
CA GLY B 343 -24.03 -33.01 -8.49
C GLY B 343 -24.99 -32.77 -9.61
N LEU B 344 -24.45 -32.86 -10.82
CA LEU B 344 -25.15 -32.72 -12.05
C LEU B 344 -25.56 -34.10 -12.55
N LYS B 345 -26.74 -34.21 -13.14
CA LYS B 345 -27.23 -35.52 -13.54
C LYS B 345 -26.46 -36.03 -14.79
N GLY B 346 -25.85 -35.10 -15.54
CA GLY B 346 -25.04 -35.38 -16.74
C GLY B 346 -23.57 -35.65 -16.41
N GLY B 347 -23.30 -35.90 -15.12
CA GLY B 347 -21.98 -36.25 -14.57
C GLY B 347 -20.79 -35.29 -14.78
N TYR B 348 -19.58 -35.88 -14.65
CA TYR B 348 -18.30 -35.29 -15.01
C TYR B 348 -18.37 -34.45 -16.28
N GLU B 349 -18.98 -34.96 -17.34
CA GLU B 349 -18.99 -34.17 -18.56
C GLU B 349 -19.82 -32.92 -18.37
N ALA B 350 -20.94 -33.05 -17.66
CA ALA B 350 -21.83 -31.92 -17.60
C ALA B 350 -21.27 -30.84 -16.57
N ALA B 351 -20.49 -31.32 -15.60
CA ALA B 351 -19.86 -30.54 -14.62
C ALA B 351 -18.81 -29.70 -15.37
N LYS B 352 -17.94 -30.32 -16.15
CA LYS B 352 -17.05 -29.60 -17.03
C LYS B 352 -17.79 -28.63 -17.89
N ARG B 353 -18.97 -28.90 -18.35
CA ARG B 353 -19.60 -28.02 -19.33
C ARG B 353 -20.06 -26.76 -18.58
N PHE B 354 -20.70 -27.03 -17.45
CA PHE B 354 -21.18 -26.02 -16.55
C PHE B 354 -20.01 -25.05 -16.19
N ILE B 355 -18.86 -25.55 -15.71
CA ILE B 355 -17.80 -24.59 -15.44
C ILE B 355 -17.48 -23.79 -16.69
N SER B 356 -17.47 -24.39 -17.89
CA SER B 356 -17.00 -23.66 -19.06
C SER B 356 -18.05 -22.61 -19.45
N ARG B 357 -19.27 -22.64 -18.91
CA ARG B 357 -20.30 -21.69 -19.33
C ARG B 357 -20.46 -20.55 -18.35
N LEU B 358 -19.60 -20.57 -17.34
CA LEU B 358 -19.63 -19.56 -16.31
C LEU B 358 -19.10 -18.21 -16.92
N LYS B 359 -19.62 -17.13 -16.40
CA LYS B 359 -19.46 -15.80 -17.01
C LYS B 359 -19.18 -14.90 -15.77
N LEU B 360 -20.20 -14.64 -14.99
CA LEU B 360 -20.12 -14.03 -13.68
C LEU B 360 -19.42 -14.81 -12.52
N ILE B 361 -19.83 -16.06 -12.28
CA ILE B 361 -19.09 -16.94 -11.34
C ILE B 361 -17.67 -17.20 -11.89
N SER B 362 -16.70 -17.18 -10.99
CA SER B 362 -15.30 -17.32 -11.38
C SER B 362 -14.90 -18.77 -11.20
N HIS B 363 -14.19 -19.25 -12.18
CA HIS B 363 -13.56 -20.52 -12.13
C HIS B 363 -12.18 -20.48 -11.43
N LEU B 364 -12.16 -20.90 -10.15
CA LEU B 364 -10.91 -20.98 -9.41
C LEU B 364 -11.04 -21.81 -8.12
N ALA B 365 -9.93 -22.00 -7.40
CA ALA B 365 -9.88 -23.00 -6.32
C ALA B 365 -10.02 -22.48 -4.89
N ASN B 366 -10.17 -21.20 -4.72
CA ASN B 366 -10.30 -20.55 -3.41
C ASN B 366 -11.77 -20.58 -2.92
N VAL B 367 -12.03 -20.27 -1.66
CA VAL B 367 -13.37 -20.00 -1.16
C VAL B 367 -13.32 -18.65 -0.43
N GLY B 368 -14.45 -18.01 -0.20
CA GLY B 368 -14.55 -16.92 0.79
C GLY B 368 -14.23 -15.53 0.25
N ASP B 369 -14.40 -15.30 -1.05
CA ASP B 369 -14.30 -14.03 -1.62
C ASP B 369 -15.73 -13.41 -1.51
N THR B 370 -15.87 -12.14 -1.84
CA THR B 370 -17.15 -11.50 -1.98
C THR B 370 -17.84 -12.04 -3.21
N ARG B 371 -17.05 -12.44 -4.20
CA ARG B 371 -17.57 -12.87 -5.47
C ARG B 371 -17.87 -14.39 -5.38
N THR B 372 -18.84 -14.81 -6.18
CA THR B 372 -19.19 -16.20 -6.20
C THR B 372 -18.15 -17.04 -6.98
N LEU B 373 -17.74 -18.14 -6.37
CA LEU B 373 -16.68 -18.98 -6.96
C LEU B 373 -17.16 -20.46 -7.19
N ALA B 374 -16.71 -21.07 -8.27
CA ALA B 374 -17.02 -22.50 -8.54
C ALA B 374 -15.81 -23.28 -8.97
N ILE B 375 -15.77 -24.51 -8.47
CA ILE B 375 -14.77 -25.46 -8.94
C ILE B 375 -15.30 -26.90 -9.16
N HIS B 376 -14.79 -27.54 -10.18
CA HIS B 376 -15.15 -28.98 -10.36
C HIS B 376 -13.94 -29.82 -10.04
N PRO B 377 -13.82 -30.25 -8.80
CA PRO B 377 -12.56 -30.83 -8.38
C PRO B 377 -12.13 -32.03 -9.25
N ALA B 378 -13.09 -32.89 -9.64
CA ALA B 378 -12.75 -34.09 -10.37
C ALA B 378 -11.90 -33.74 -11.58
N SER B 379 -12.14 -32.62 -12.23
CA SER B 379 -11.36 -32.33 -13.45
C SER B 379 -10.19 -31.40 -13.23
N THR B 380 -9.76 -31.22 -12.00
CA THR B 380 -8.97 -30.02 -11.72
C THR B 380 -8.01 -30.18 -10.52
N THR B 381 -8.50 -29.75 -9.38
CA THR B 381 -7.93 -30.03 -8.07
C THR B 381 -7.37 -31.41 -7.90
N HIS B 382 -8.17 -32.42 -8.25
CA HIS B 382 -7.84 -33.82 -7.97
C HIS B 382 -7.64 -34.59 -9.27
N SER B 383 -7.40 -33.90 -10.38
CA SER B 383 -7.29 -34.60 -11.65
C SER B 383 -6.05 -35.51 -11.77
N GLN B 384 -5.16 -35.45 -10.81
CA GLN B 384 -3.96 -36.24 -10.83
C GLN B 384 -4.30 -37.64 -10.28
N LEU B 385 -5.27 -37.72 -9.38
CA LEU B 385 -5.77 -38.97 -8.83
C LEU B 385 -6.58 -39.72 -9.86
N SER B 386 -6.43 -41.05 -9.84
CA SER B 386 -7.34 -41.94 -10.58
C SER B 386 -8.76 -41.82 -9.99
N PRO B 387 -9.78 -42.14 -10.80
CA PRO B 387 -11.17 -42.05 -10.30
C PRO B 387 -11.37 -42.91 -9.06
N GLU B 388 -10.58 -43.94 -8.93
CA GLU B 388 -10.81 -44.75 -7.76
C GLU B 388 -10.21 -44.07 -6.53
N GLU B 389 -8.99 -43.55 -6.63
CA GLU B 389 -8.50 -42.76 -5.50
C GLU B 389 -9.31 -41.43 -5.28
N GLN B 390 -9.75 -40.77 -6.35
CA GLN B 390 -10.76 -39.74 -6.19
C GLN B 390 -11.90 -40.19 -5.29
N ALA B 391 -12.70 -41.18 -5.70
CA ALA B 391 -13.87 -41.63 -4.89
C ALA B 391 -13.43 -41.97 -3.47
N GLN B 392 -12.28 -42.63 -3.34
CA GLN B 392 -11.58 -42.77 -2.07
C GLN B 392 -11.54 -41.42 -1.25
N ALA B 393 -11.06 -40.33 -1.84
CA ALA B 393 -11.08 -39.03 -1.14
C ALA B 393 -12.49 -38.33 -0.90
N GLY B 394 -13.60 -38.97 -1.32
CA GLY B 394 -14.91 -38.36 -1.10
C GLY B 394 -15.17 -37.36 -2.23
N VAL B 395 -14.47 -37.52 -3.34
CA VAL B 395 -14.68 -36.63 -4.46
C VAL B 395 -15.36 -37.34 -5.59
N SER B 396 -16.59 -36.94 -5.78
CA SER B 396 -17.43 -37.71 -6.62
C SER B 396 -17.41 -37.04 -8.02
N PRO B 397 -17.39 -37.83 -9.11
CA PRO B 397 -17.05 -37.16 -10.37
C PRO B 397 -18.06 -36.12 -10.87
N GLU B 398 -19.27 -36.14 -10.37
CA GLU B 398 -20.20 -35.13 -10.86
C GLU B 398 -20.35 -33.83 -9.95
N MET B 399 -19.53 -33.72 -8.88
CA MET B 399 -19.66 -32.68 -7.84
C MET B 399 -18.99 -31.38 -8.30
N VAL B 400 -19.77 -30.30 -8.22
CA VAL B 400 -19.30 -28.94 -8.27
C VAL B 400 -19.38 -28.33 -6.88
N ARG B 401 -18.29 -27.65 -6.45
CA ARG B 401 -18.26 -26.88 -5.16
C ARG B 401 -18.56 -25.40 -5.52
N LEU B 402 -19.52 -24.84 -4.80
CA LEU B 402 -19.91 -23.43 -4.98
C LEU B 402 -19.55 -22.65 -3.72
N SER B 403 -18.74 -21.60 -3.85
CA SER B 403 -18.50 -20.75 -2.67
C SER B 403 -19.33 -19.47 -2.94
N VAL B 404 -20.43 -19.34 -2.24
CA VAL B 404 -21.49 -18.41 -2.65
C VAL B 404 -21.17 -16.97 -2.23
N GLY B 405 -21.17 -16.08 -3.20
CA GLY B 405 -20.73 -14.73 -2.89
C GLY B 405 -21.91 -13.82 -2.62
N LEU B 406 -21.70 -12.55 -2.93
CA LEU B 406 -22.64 -11.52 -2.43
C LEU B 406 -23.37 -10.80 -3.54
N GLU B 407 -23.14 -11.22 -4.78
CA GLU B 407 -23.89 -10.69 -5.89
C GLU B 407 -25.43 -10.82 -5.63
N HIS B 408 -26.23 -10.13 -6.41
CA HIS B 408 -27.68 -10.27 -6.22
C HIS B 408 -28.10 -11.70 -6.57
N VAL B 409 -28.87 -12.34 -5.70
CA VAL B 409 -29.25 -13.72 -5.93
C VAL B 409 -30.00 -13.93 -7.26
N GLU B 410 -30.76 -12.96 -7.74
CA GLU B 410 -31.37 -13.14 -9.05
C GLU B 410 -30.35 -13.15 -10.12
N ASP B 411 -29.18 -12.55 -9.90
CA ASP B 411 -28.24 -12.46 -11.03
C ASP B 411 -27.50 -13.78 -11.08
N LEU B 412 -27.31 -14.34 -9.88
CA LEU B 412 -26.71 -15.62 -9.69
C LEU B 412 -27.61 -16.77 -10.23
N LYS B 413 -28.90 -16.78 -9.83
CA LYS B 413 -29.93 -17.63 -10.50
C LYS B 413 -29.85 -17.51 -12.02
N ALA B 414 -29.83 -16.31 -12.59
CA ALA B 414 -29.82 -16.23 -14.09
C ALA B 414 -28.58 -16.91 -14.70
N GLU B 415 -27.43 -16.67 -14.07
CA GLU B 415 -26.15 -17.23 -14.42
C GLU B 415 -26.09 -18.76 -14.31
N LEU B 416 -26.43 -19.31 -13.14
CA LEU B 416 -26.54 -20.74 -12.97
C LEU B 416 -27.48 -21.40 -14.02
N LYS B 417 -28.72 -20.90 -14.14
CA LYS B 417 -29.63 -21.34 -15.23
C LYS B 417 -28.94 -21.40 -16.61
N GLU B 418 -28.39 -20.29 -17.10
CA GLU B 418 -27.61 -20.30 -18.32
C GLU B 418 -26.52 -21.32 -18.28
N ALA B 419 -25.79 -21.50 -17.17
CA ALA B 419 -24.57 -22.33 -17.24
C ALA B 419 -24.96 -23.82 -17.26
N LEU B 420 -26.19 -24.08 -16.86
CA LEU B 420 -26.62 -25.42 -16.61
C LEU B 420 -27.32 -25.96 -17.87
N ALA B 421 -27.27 -25.25 -19.02
CA ALA B 421 -28.08 -25.51 -20.26
C ALA B 421 -27.27 -25.88 -21.51
#